data_6F8R
#
_entry.id   6F8R
#
_cell.length_a   64.671
_cell.length_b   98.303
_cell.length_c   120.091
_cell.angle_alpha   90.00
_cell.angle_beta   90.00
_cell.angle_gamma   90.00
#
_symmetry.space_group_name_H-M   'P 21 21 21'
#
loop_
_entity.id
_entity.type
_entity.pdbx_description
1 polymer "cAMP-specific 3',5'-cyclic phosphodiesterase 4D"
2 non-polymer (2~{S})-1-[3-(3-cyclopentyloxy-4-methoxy-phenyl)pyrazol-1-yl]-3-morpholin-4-yl-propan-2-ol
3 non-polymer 'MAGNESIUM ION'
4 non-polymer 'ZINC ION'
5 non-polymer 1,2-ETHANEDIOL
6 water water
#
_entity_poly.entity_id   1
_entity_poly.type   'polypeptide(L)'
_entity_poly.pdbx_seq_one_letter_code
;MSIPRFGVKTEQEDVLAKELEDVNKWGLHVFRIAELSGNRPLTVIMHTIFQERDLLKTFKIPVDTLITYLMTLEDHYHAD
VAYHNNIHAADVVQSTHVLLSTPALEAVFTDLEILAAIFASAIHDVDHPGVSNQFLINTNSELALMYNDSSVLENHHLAV
GFKLLQEENCDIFQNLTKKQRQSLRKMVIDIVLATDMSKHMNLLADLKTMVETKKVTSSGVLLLDNYSDRIQVLQNMVHC
ADLSNPTKPLQLYRQWTDRIMEEFFRQGDRERERGMEISPMCDKHNASVEKSQVGFIDYIVHPLWETWADLVHPDAQDIL
DTLEDNREWYQSTIPQAHHHHHH
;
_entity_poly.pdbx_strand_id   A,B
#
loop_
_chem_comp.id
_chem_comp.type
_chem_comp.name
_chem_comp.formula
CZK non-polymer (2~{S})-1-[3-(3-cyclopentyloxy-4-methoxy-phenyl)pyrazol-1-yl]-3-morpholin-4-yl-propan-2-ol 'C22 H31 N3 O4'
EDO non-polymer 1,2-ETHANEDIOL 'C2 H6 O2'
MG non-polymer 'MAGNESIUM ION' 'Mg 2'
ZN non-polymer 'ZINC ION' 'Zn 2'
#
# COMPACT_ATOMS: atom_id res chain seq x y z
N ASP A 14 -15.38 -31.86 -27.02
CA ASP A 14 -16.14 -31.90 -28.27
C ASP A 14 -16.16 -30.52 -28.96
N VAL A 15 -17.20 -29.76 -28.63
CA VAL A 15 -17.53 -28.48 -29.25
C VAL A 15 -16.72 -27.33 -28.65
N LEU A 16 -16.11 -27.60 -27.51
CA LEU A 16 -15.29 -26.64 -26.80
C LEU A 16 -14.11 -26.23 -27.67
N ALA A 17 -13.60 -27.18 -28.44
CA ALA A 17 -12.39 -26.96 -29.23
C ALA A 17 -12.65 -25.97 -30.36
N LYS A 18 -13.84 -26.01 -30.94
CA LYS A 18 -14.19 -25.07 -32.00
C LYS A 18 -14.40 -23.65 -31.47
N GLU A 19 -14.82 -23.53 -30.22
CA GLU A 19 -14.96 -22.21 -29.61
C GLU A 19 -13.58 -21.68 -29.23
N LEU A 20 -12.72 -22.56 -28.73
CA LEU A 20 -11.37 -22.16 -28.32
C LEU A 20 -10.50 -21.69 -29.49
N GLU A 21 -10.99 -21.90 -30.71
CA GLU A 21 -10.29 -21.45 -31.90
C GLU A 21 -10.33 -19.94 -32.01
N ASP A 22 -11.20 -19.32 -31.21
CA ASP A 22 -11.29 -17.87 -31.18
C ASP A 22 -10.52 -17.27 -30.00
N VAL A 23 -9.68 -18.07 -29.36
CA VAL A 23 -8.92 -17.57 -28.21
C VAL A 23 -7.99 -16.43 -28.62
N ASN A 24 -7.66 -16.38 -29.92
CA ASN A 24 -6.81 -15.31 -30.43
C ASN A 24 -7.62 -14.12 -30.94
N LYS A 25 -8.94 -14.15 -30.74
CA LYS A 25 -9.81 -13.12 -31.28
C LYS A 25 -10.53 -12.32 -30.20
N TRP A 26 -10.68 -11.02 -30.44
CA TRP A 26 -11.56 -10.17 -29.66
C TRP A 26 -12.97 -10.69 -29.85
N GLY A 27 -13.71 -10.89 -28.77
CA GLY A 27 -15.06 -11.41 -28.94
C GLY A 27 -15.18 -12.92 -28.91
N LEU A 28 -14.13 -13.58 -28.46
CA LEU A 28 -14.24 -14.97 -28.01
C LEU A 28 -15.55 -15.17 -27.23
N HIS A 29 -16.26 -16.27 -27.49
CA HIS A 29 -17.52 -16.53 -26.78
C HIS A 29 -17.23 -17.09 -25.40
N VAL A 30 -16.87 -16.22 -24.45
CA VAL A 30 -16.35 -16.72 -23.17
C VAL A 30 -17.45 -17.35 -22.31
N PHE A 31 -18.68 -16.90 -22.46
CA PHE A 31 -19.77 -17.51 -21.70
C PHE A 31 -20.05 -18.92 -22.19
N ARG A 32 -20.04 -19.08 -23.51
CA ARG A 32 -20.12 -20.40 -24.12
C ARG A 32 -19.03 -21.31 -23.53
N ILE A 33 -17.80 -20.80 -23.47
CA ILE A 33 -16.68 -21.58 -22.95
C ILE A 33 -16.92 -22.04 -21.51
N ALA A 34 -17.55 -21.18 -20.70
CA ALA A 34 -17.79 -21.50 -19.29
C ALA A 34 -18.76 -22.67 -19.17
N GLU A 35 -19.81 -22.63 -19.97
CA GLU A 35 -20.81 -23.70 -20.00
C GLU A 35 -20.17 -25.01 -20.47
N LEU A 36 -19.54 -24.95 -21.65
CA LEU A 36 -18.97 -26.13 -22.29
C LEU A 36 -17.86 -26.77 -21.49
N SER A 37 -17.24 -26.01 -20.59
CA SER A 37 -16.11 -26.51 -19.84
C SER A 37 -16.53 -26.94 -18.43
N GLY A 38 -17.82 -26.87 -18.15
CA GLY A 38 -18.30 -27.16 -16.81
C GLY A 38 -17.91 -26.07 -15.83
N ASN A 39 -18.05 -24.83 -16.24
CA ASN A 39 -17.70 -23.68 -15.41
C ASN A 39 -16.23 -23.66 -15.01
N ARG A 40 -15.37 -24.05 -15.94
CA ARG A 40 -13.92 -23.92 -15.77
C ARG A 40 -13.29 -23.06 -16.85
N PRO A 41 -13.91 -21.91 -17.17
CA PRO A 41 -13.38 -21.08 -18.26
C PRO A 41 -11.98 -20.55 -17.98
N LEU A 42 -11.71 -20.19 -16.74
CA LEU A 42 -10.37 -19.68 -16.41
C LEU A 42 -9.31 -20.76 -16.60
N THR A 43 -9.57 -21.97 -16.11
CA THR A 43 -8.59 -23.05 -16.24
C THR A 43 -8.39 -23.39 -17.72
N VAL A 44 -9.48 -23.58 -18.44
CA VAL A 44 -9.40 -23.96 -19.85
C VAL A 44 -8.66 -22.89 -20.67
N ILE A 45 -9.01 -21.63 -20.46
CA ILE A 45 -8.45 -20.58 -21.27
C ILE A 45 -6.97 -20.35 -20.95
N MET A 46 -6.63 -20.39 -19.66
CA MET A 46 -5.23 -20.26 -19.24
C MET A 46 -4.39 -21.40 -19.79
N HIS A 47 -4.90 -22.62 -19.69
CA HIS A 47 -4.15 -23.76 -20.20
C HIS A 47 -3.91 -23.63 -21.70
N THR A 48 -4.94 -23.23 -22.45
CA THR A 48 -4.82 -23.02 -23.89
C THR A 48 -3.78 -21.96 -24.26
N ILE A 49 -3.83 -20.83 -23.56
CA ILE A 49 -2.89 -19.75 -23.77
C ILE A 49 -1.46 -20.18 -23.41
N PHE A 50 -1.29 -20.88 -22.29
CA PHE A 50 0.07 -21.30 -21.90
C PHE A 50 0.66 -22.27 -22.91
N GLN A 51 -0.18 -23.16 -23.43
CA GLN A 51 0.27 -24.07 -24.48
C GLN A 51 0.58 -23.31 -25.76
N GLU A 52 -0.32 -22.40 -26.14
CA GLU A 52 -0.14 -21.64 -27.36
C GLU A 52 1.16 -20.83 -27.34
N ARG A 53 1.45 -20.22 -26.20
CA ARG A 53 2.63 -19.35 -26.11
C ARG A 53 3.88 -20.13 -25.69
N ASP A 54 3.73 -21.45 -25.59
CA ASP A 54 4.84 -22.34 -25.21
C ASP A 54 5.47 -21.97 -23.87
N LEU A 55 4.64 -21.49 -22.95
CA LEU A 55 5.14 -21.02 -21.68
C LEU A 55 5.54 -22.15 -20.73
N LEU A 56 4.97 -23.34 -20.92
CA LEU A 56 5.30 -24.47 -20.05
C LEU A 56 6.74 -24.88 -20.29
N LYS A 57 7.08 -24.97 -21.57
CA LYS A 57 8.42 -25.38 -21.94
C LYS A 57 9.43 -24.28 -21.57
N THR A 58 9.11 -23.02 -21.88
CA THR A 58 10.03 -21.91 -21.60
C THR A 58 10.37 -21.82 -20.12
N PHE A 59 9.36 -21.97 -19.27
CA PHE A 59 9.59 -21.81 -17.85
C PHE A 59 9.57 -23.14 -17.08
N LYS A 60 9.53 -24.23 -17.83
CA LYS A 60 9.54 -25.57 -17.25
C LYS A 60 8.46 -25.73 -16.19
N ILE A 61 7.24 -25.42 -16.59
CA ILE A 61 6.07 -25.55 -15.74
C ILE A 61 5.46 -26.92 -16.02
N PRO A 62 5.43 -27.78 -15.00
CA PRO A 62 4.79 -29.10 -15.19
C PRO A 62 3.30 -28.92 -15.46
N VAL A 63 2.76 -29.64 -16.43
CA VAL A 63 1.37 -29.38 -16.85
C VAL A 63 0.39 -29.69 -15.72
N ASP A 64 0.66 -30.72 -14.92
CA ASP A 64 -0.25 -31.05 -13.82
CA ASP A 64 -0.20 -31.07 -13.77
C ASP A 64 -0.22 -29.95 -12.76
N THR A 65 0.96 -29.36 -12.54
CA THR A 65 1.12 -28.24 -11.62
C THR A 65 0.32 -27.03 -12.09
N LEU A 66 0.41 -26.71 -13.38
CA LEU A 66 -0.37 -25.61 -13.95
C LEU A 66 -1.87 -25.84 -13.74
N ILE A 67 -2.35 -27.03 -14.12
CA ILE A 67 -3.78 -27.31 -14.01
C ILE A 67 -4.21 -27.27 -12.55
N THR A 68 -3.38 -27.81 -11.67
CA THR A 68 -3.75 -27.85 -10.26
C THR A 68 -3.85 -26.44 -9.68
N TYR A 69 -2.89 -25.58 -10.01
CA TYR A 69 -2.95 -24.20 -9.54
C TYR A 69 -4.15 -23.46 -10.14
N LEU A 70 -4.36 -23.64 -11.43
CA LEU A 70 -5.47 -22.98 -12.10
C LEU A 70 -6.82 -23.37 -11.50
N MET A 71 -6.99 -24.65 -11.18
CA MET A 71 -8.23 -25.12 -10.57
CA MET A 71 -8.25 -25.11 -10.59
C MET A 71 -8.44 -24.50 -9.20
N THR A 72 -7.38 -24.45 -8.40
CA THR A 72 -7.49 -23.86 -7.08
CA THR A 72 -7.52 -23.86 -7.07
C THR A 72 -7.75 -22.36 -7.16
N LEU A 73 -7.04 -21.68 -8.07
CA LEU A 73 -7.27 -20.26 -8.29
C LEU A 73 -8.73 -20.03 -8.69
N GLU A 74 -9.20 -20.82 -9.63
CA GLU A 74 -10.57 -20.67 -10.13
C GLU A 74 -11.60 -20.92 -9.02
N ASP A 75 -11.31 -21.87 -8.13
CA ASP A 75 -12.18 -22.15 -6.99
C ASP A 75 -12.28 -20.97 -6.03
N HIS A 76 -11.33 -20.05 -6.09
CA HIS A 76 -11.34 -18.94 -5.16
C HIS A 76 -11.97 -17.67 -5.73
N TYR A 77 -12.45 -17.77 -6.97
CA TYR A 77 -13.41 -16.80 -7.48
C TYR A 77 -14.79 -17.26 -7.05
N HIS A 78 -15.59 -16.34 -6.51
CA HIS A 78 -16.90 -16.71 -5.94
C HIS A 78 -17.92 -17.00 -7.02
N ALA A 79 -18.52 -18.19 -6.95
CA ALA A 79 -19.54 -18.55 -7.92
C ALA A 79 -20.85 -17.77 -7.73
N ASP A 80 -21.07 -17.22 -6.54
CA ASP A 80 -22.33 -16.49 -6.30
C ASP A 80 -22.19 -14.97 -6.48
N VAL A 81 -21.04 -14.55 -7.02
CA VAL A 81 -20.87 -13.15 -7.38
C VAL A 81 -21.15 -13.01 -8.88
N ALA A 82 -22.03 -12.09 -9.25
CA ALA A 82 -22.56 -12.02 -10.63
C ALA A 82 -21.53 -11.61 -11.69
N TYR A 83 -20.66 -10.66 -11.34
CA TYR A 83 -19.71 -10.16 -12.32
C TYR A 83 -18.28 -10.58 -11.98
N HIS A 84 -17.83 -10.28 -10.75
CA HIS A 84 -16.43 -10.50 -10.43
C HIS A 84 -16.18 -11.96 -10.05
N ASN A 85 -16.34 -12.83 -11.05
CA ASN A 85 -16.25 -14.26 -10.88
C ASN A 85 -15.20 -14.83 -11.84
N ASN A 86 -15.09 -16.16 -11.90
CA ASN A 86 -14.10 -16.81 -12.75
C ASN A 86 -14.28 -16.52 -14.24
N ILE A 87 -15.49 -16.18 -14.68
CA ILE A 87 -15.70 -15.84 -16.09
C ILE A 87 -15.06 -14.48 -16.41
N HIS A 88 -15.18 -13.52 -15.49
CA HIS A 88 -14.52 -12.22 -15.68
C HIS A 88 -12.98 -12.39 -15.73
N ALA A 89 -12.45 -13.19 -14.81
CA ALA A 89 -11.01 -13.48 -14.78
C ALA A 89 -10.59 -14.09 -16.11
N ALA A 90 -11.32 -15.09 -16.57
CA ALA A 90 -11.04 -15.71 -17.87
C ALA A 90 -11.05 -14.69 -19.01
N ASP A 91 -12.07 -13.82 -19.03
CA ASP A 91 -12.22 -12.76 -20.01
C ASP A 91 -11.01 -11.80 -20.00
N VAL A 92 -10.58 -11.38 -18.82
CA VAL A 92 -9.51 -10.40 -18.77
C VAL A 92 -8.18 -11.05 -19.20
N VAL A 93 -7.96 -12.31 -18.78
CA VAL A 93 -6.84 -13.11 -19.27
C VAL A 93 -6.84 -13.18 -20.81
N GLN A 94 -7.96 -13.62 -21.39
CA GLN A 94 -8.02 -13.81 -22.84
C GLN A 94 -7.88 -12.48 -23.57
N SER A 95 -8.43 -11.42 -22.99
CA SER A 95 -8.35 -10.10 -23.64
C SER A 95 -6.91 -9.57 -23.61
N THR A 96 -6.24 -9.75 -22.48
CA THR A 96 -4.82 -9.40 -22.38
C THR A 96 -3.97 -10.20 -23.38
N HIS A 97 -4.27 -11.49 -23.49
CA HIS A 97 -3.60 -12.38 -24.45
C HIS A 97 -3.72 -11.82 -25.88
N VAL A 98 -4.89 -11.31 -26.22
CA VAL A 98 -5.10 -10.72 -27.53
C VAL A 98 -4.34 -9.39 -27.70
N LEU A 99 -4.46 -8.52 -26.70
CA LEU A 99 -3.73 -7.24 -26.74
C LEU A 99 -2.22 -7.43 -26.87
N LEU A 100 -1.68 -8.48 -26.23
CA LEU A 100 -0.24 -8.72 -26.26
C LEU A 100 0.24 -9.05 -27.66
N SER A 101 -0.66 -9.56 -28.48
CA SER A 101 -0.28 -10.02 -29.82
C SER A 101 -0.48 -8.93 -30.86
N THR A 102 -0.84 -7.73 -30.41
CA THR A 102 -1.07 -6.61 -31.33
C THR A 102 0.24 -6.34 -32.11
N PRO A 103 0.12 -6.08 -33.43
CA PRO A 103 1.31 -5.88 -34.27
C PRO A 103 2.28 -4.82 -33.75
N ALA A 104 1.78 -3.76 -33.15
CA ALA A 104 2.63 -2.67 -32.68
C ALA A 104 3.48 -3.10 -31.49
N LEU A 105 3.23 -4.29 -30.95
CA LEU A 105 3.95 -4.77 -29.78
C LEU A 105 4.79 -6.00 -30.07
N GLU A 106 4.94 -6.32 -31.36
CA GLU A 106 5.67 -7.52 -31.76
C GLU A 106 7.12 -7.50 -31.27
N ALA A 107 7.49 -8.58 -30.57
CA ALA A 107 8.84 -8.75 -30.01
C ALA A 107 9.22 -7.65 -29.01
N VAL A 108 8.24 -6.95 -28.46
CA VAL A 108 8.56 -5.89 -27.50
C VAL A 108 8.82 -6.48 -26.10
N PHE A 109 8.01 -7.47 -25.70
CA PHE A 109 8.08 -7.99 -24.34
C PHE A 109 8.76 -9.34 -24.27
N THR A 110 9.47 -9.57 -23.18
CA THR A 110 10.09 -10.87 -22.91
C THR A 110 9.02 -11.88 -22.55
N ASP A 111 9.39 -13.16 -22.57
CA ASP A 111 8.49 -14.22 -22.14
C ASP A 111 8.12 -14.09 -20.65
N LEU A 112 9.02 -13.55 -19.84
CA LEU A 112 8.74 -13.33 -18.43
C LEU A 112 7.71 -12.22 -18.25
N GLU A 113 7.80 -11.18 -19.08
CA GLU A 113 6.86 -10.07 -19.02
C GLU A 113 5.47 -10.50 -19.50
N ILE A 114 5.44 -11.33 -20.53
CA ILE A 114 4.21 -11.96 -21.02
C ILE A 114 3.55 -12.83 -19.95
N LEU A 115 4.35 -13.68 -19.32
CA LEU A 115 3.91 -14.49 -18.19
C LEU A 115 3.33 -13.64 -17.06
N ALA A 116 4.05 -12.60 -16.67
CA ALA A 116 3.57 -11.69 -15.63
C ALA A 116 2.21 -11.06 -15.97
N ALA A 117 2.05 -10.57 -17.20
CA ALA A 117 0.79 -9.95 -17.60
C ALA A 117 -0.36 -10.95 -17.54
N ILE A 118 -0.07 -12.16 -18.00
CA ILE A 118 -1.14 -13.16 -18.07
C ILE A 118 -1.49 -13.65 -16.67
N PHE A 119 -0.47 -13.93 -15.86
CA PHE A 119 -0.70 -14.34 -14.48
C PHE A 119 -1.43 -13.24 -13.70
N ALA A 120 -1.00 -11.99 -13.89
CA ALA A 120 -1.64 -10.86 -13.22
C ALA A 120 -3.12 -10.78 -13.61
N SER A 121 -3.39 -10.94 -14.90
CA SER A 121 -4.76 -10.94 -15.39
C SER A 121 -5.59 -12.04 -14.72
N ALA A 122 -5.01 -13.22 -14.57
CA ALA A 122 -5.74 -14.37 -14.03
C ALA A 122 -6.05 -14.20 -12.54
N ILE A 123 -5.16 -13.55 -11.80
CA ILE A 123 -5.39 -13.43 -10.35
C ILE A 123 -6.00 -12.09 -9.96
N HIS A 124 -6.23 -11.22 -10.93
CA HIS A 124 -6.40 -9.81 -10.60
C HIS A 124 -7.66 -9.48 -9.82
N ASP A 125 -8.69 -10.34 -9.84
CA ASP A 125 -9.85 -10.12 -8.97
C ASP A 125 -10.17 -11.31 -8.05
N VAL A 126 -9.18 -12.15 -7.75
CA VAL A 126 -9.50 -13.39 -7.04
C VAL A 126 -10.03 -13.14 -5.61
N ASP A 127 -11.00 -13.94 -5.21
CA ASP A 127 -11.68 -13.79 -3.91
C ASP A 127 -12.40 -12.45 -3.78
N HIS A 128 -12.80 -11.88 -4.91
CA HIS A 128 -13.62 -10.68 -4.89
C HIS A 128 -14.97 -10.98 -4.19
N PRO A 129 -15.36 -10.13 -3.22
CA PRO A 129 -16.61 -10.36 -2.50
C PRO A 129 -17.85 -9.72 -3.15
N GLY A 130 -17.68 -9.01 -4.26
CA GLY A 130 -18.83 -8.45 -4.96
C GLY A 130 -19.29 -7.12 -4.41
N VAL A 131 -18.45 -6.51 -3.58
CA VAL A 131 -18.67 -5.16 -3.07
C VAL A 131 -17.41 -4.32 -3.32
N SER A 132 -17.57 -3.01 -3.32
CA SER A 132 -16.50 -2.08 -3.70
C SER A 132 -15.49 -1.81 -2.60
N ASN A 133 -14.34 -1.23 -2.96
CA ASN A 133 -13.41 -0.74 -1.95
C ASN A 133 -14.10 0.22 -0.98
N GLN A 134 -14.88 1.15 -1.50
CA GLN A 134 -15.51 2.15 -0.62
C GLN A 134 -16.51 1.49 0.35
N PHE A 135 -17.22 0.47 -0.10
CA PHE A 135 -18.13 -0.26 0.77
C PHE A 135 -17.34 -0.95 1.89
N LEU A 136 -16.20 -1.54 1.54
CA LEU A 136 -15.39 -2.25 2.53
C LEU A 136 -14.84 -1.29 3.56
N ILE A 137 -14.55 -0.07 3.11
CA ILE A 137 -14.02 0.95 4.00
C ILE A 137 -15.13 1.47 4.90
N ASN A 138 -16.27 1.80 4.28
CA ASN A 138 -17.42 2.37 4.98
C ASN A 138 -18.01 1.46 6.05
N THR A 139 -17.85 0.15 5.87
CA THR A 139 -18.41 -0.80 6.81
C THR A 139 -17.33 -1.32 7.77
N ASN A 140 -16.17 -0.68 7.76
CA ASN A 140 -15.09 -1.02 8.70
C ASN A 140 -14.76 -2.50 8.64
N SER A 141 -14.67 -3.03 7.43
CA SER A 141 -14.35 -4.44 7.21
C SER A 141 -12.94 -4.78 7.70
N GLU A 142 -12.75 -6.05 8.09
CA GLU A 142 -11.42 -6.53 8.44
C GLU A 142 -10.43 -6.31 7.30
N LEU A 143 -10.90 -6.47 6.06
CA LEU A 143 -10.01 -6.24 4.91
C LEU A 143 -9.50 -4.80 4.86
N ALA A 144 -10.39 -3.82 5.08
CA ALA A 144 -9.98 -2.42 5.03
C ALA A 144 -9.06 -2.07 6.20
N LEU A 145 -9.30 -2.74 7.32
CA LEU A 145 -8.45 -2.60 8.50
C LEU A 145 -7.06 -3.13 8.18
N MET A 146 -7.02 -4.29 7.54
CA MET A 146 -5.74 -4.91 7.15
CA MET A 146 -5.74 -4.89 7.17
C MET A 146 -4.92 -4.00 6.24
N TYR A 147 -5.58 -3.39 5.27
CA TYR A 147 -4.90 -2.65 4.22
C TYR A 147 -4.98 -1.14 4.32
N ASN A 148 -5.39 -0.65 5.49
CA ASN A 148 -5.41 0.78 5.77
C ASN A 148 -6.13 1.59 4.67
N ASP A 149 -7.29 1.07 4.26
CA ASP A 149 -8.20 1.72 3.32
C ASP A 149 -7.64 1.99 1.92
N SER A 150 -6.46 1.45 1.63
CA SER A 150 -5.78 1.76 0.36
CA SER A 150 -5.80 1.75 0.36
C SER A 150 -5.69 0.51 -0.53
N SER A 151 -6.21 0.62 -1.76
CA SER A 151 -6.30 -0.51 -2.69
C SER A 151 -6.63 -1.79 -1.96
N VAL A 152 -7.70 -1.75 -1.18
CA VAL A 152 -8.01 -2.85 -0.29
C VAL A 152 -8.22 -4.14 -1.08
N LEU A 153 -9.13 -4.13 -2.04
CA LEU A 153 -9.40 -5.31 -2.85
C LEU A 153 -8.15 -5.78 -3.60
N GLU A 154 -7.48 -4.84 -4.25
CA GLU A 154 -6.37 -5.18 -5.13
C GLU A 154 -5.16 -5.77 -4.35
N ASN A 155 -4.86 -5.22 -3.19
CA ASN A 155 -3.86 -5.82 -2.30
C ASN A 155 -4.26 -7.26 -1.92
N HIS A 156 -5.55 -7.45 -1.69
CA HIS A 156 -6.05 -8.75 -1.27
C HIS A 156 -5.99 -9.75 -2.42
N HIS A 157 -6.31 -9.31 -3.64
CA HIS A 157 -6.29 -10.19 -4.80
C HIS A 157 -4.86 -10.72 -5.02
N LEU A 158 -3.88 -9.82 -4.88
CA LEU A 158 -2.47 -10.22 -4.99
C LEU A 158 -2.08 -11.21 -3.91
N ALA A 159 -2.39 -10.89 -2.67
CA ALA A 159 -2.01 -11.78 -1.56
C ALA A 159 -2.55 -13.19 -1.79
N VAL A 160 -3.82 -13.29 -2.16
CA VAL A 160 -4.42 -14.59 -2.39
C VAL A 160 -3.81 -15.32 -3.59
N GLY A 161 -3.68 -14.62 -4.71
CA GLY A 161 -3.11 -15.22 -5.91
C GLY A 161 -1.71 -15.80 -5.70
N PHE A 162 -0.88 -15.08 -4.96
CA PHE A 162 0.45 -15.57 -4.61
C PHE A 162 0.43 -16.68 -3.56
N LYS A 163 -0.43 -16.54 -2.56
CA LYS A 163 -0.50 -17.51 -1.47
C LYS A 163 -0.88 -18.91 -1.99
N LEU A 164 -1.75 -18.94 -3.00
CA LEU A 164 -2.23 -20.21 -3.55
C LEU A 164 -1.13 -21.00 -4.25
N LEU A 165 -0.06 -20.32 -4.64
CA LEU A 165 1.11 -21.00 -5.19
C LEU A 165 1.71 -21.98 -4.19
N GLN A 166 1.38 -21.80 -2.91
CA GLN A 166 2.02 -22.58 -1.85
C GLN A 166 1.28 -23.87 -1.53
N GLU A 167 0.09 -24.02 -2.10
CA GLU A 167 -0.67 -25.26 -1.91
C GLU A 167 -0.02 -26.40 -2.68
N GLU A 168 -0.39 -27.62 -2.32
CA GLU A 168 0.25 -28.81 -2.87
C GLU A 168 0.28 -28.85 -4.39
N ASN A 169 1.48 -28.99 -4.95
CA ASN A 169 1.65 -29.13 -6.39
C ASN A 169 1.06 -27.93 -7.14
N CYS A 170 1.20 -26.73 -6.57
CA CYS A 170 0.61 -25.52 -7.16
C CYS A 170 1.64 -24.48 -7.59
N ASP A 171 2.93 -24.73 -7.32
CA ASP A 171 3.91 -23.69 -7.59
C ASP A 171 4.36 -23.70 -9.04
N ILE A 172 3.60 -23.00 -9.88
CA ILE A 172 3.89 -22.96 -11.29
C ILE A 172 5.19 -22.19 -11.58
N PHE A 173 5.72 -21.49 -10.59
CA PHE A 173 6.96 -20.74 -10.78
C PHE A 173 8.18 -21.43 -10.16
N GLN A 174 8.02 -22.71 -9.81
CA GLN A 174 9.08 -23.43 -9.07
C GLN A 174 10.40 -23.49 -9.82
N ASN A 175 10.36 -23.42 -11.15
CA ASN A 175 11.58 -23.56 -11.96
C ASN A 175 12.05 -22.24 -12.59
N LEU A 176 11.46 -21.13 -12.17
CA LEU A 176 12.04 -19.82 -12.45
C LEU A 176 13.27 -19.64 -11.55
N THR A 177 14.23 -18.84 -12.01
CA THR A 177 15.37 -18.50 -11.16
C THR A 177 14.90 -17.56 -10.08
N LYS A 178 15.71 -17.39 -9.05
CA LYS A 178 15.37 -16.50 -7.94
C LYS A 178 15.13 -15.10 -8.49
N LYS A 179 16.02 -14.66 -9.38
CA LYS A 179 15.89 -13.33 -9.98
C LYS A 179 14.65 -13.20 -10.85
N GLN A 180 14.32 -14.26 -11.60
CA GLN A 180 13.11 -14.26 -12.41
C GLN A 180 11.86 -14.14 -11.56
N ARG A 181 11.78 -14.94 -10.49
CA ARG A 181 10.67 -14.86 -9.55
C ARG A 181 10.52 -13.46 -8.98
N GLN A 182 11.63 -12.88 -8.52
CA GLN A 182 11.61 -11.53 -7.98
C GLN A 182 11.06 -10.53 -8.99
N SER A 183 11.50 -10.65 -10.23
CA SER A 183 11.11 -9.68 -11.24
C SER A 183 9.63 -9.89 -11.59
N LEU A 184 9.24 -11.14 -11.75
CA LEU A 184 7.85 -11.44 -12.06
C LEU A 184 6.96 -10.96 -10.91
N ARG A 185 7.37 -11.21 -9.67
CA ARG A 185 6.58 -10.79 -8.51
C ARG A 185 6.32 -9.27 -8.51
N LYS A 186 7.38 -8.50 -8.72
CA LYS A 186 7.26 -7.06 -8.79
C LYS A 186 6.32 -6.60 -9.91
N MET A 187 6.46 -7.19 -11.08
CA MET A 187 5.60 -6.82 -12.21
C MET A 187 4.13 -7.12 -11.96
N VAL A 188 3.87 -8.29 -11.37
CA VAL A 188 2.48 -8.70 -11.15
C VAL A 188 1.85 -7.77 -10.12
N ILE A 189 2.60 -7.45 -9.06
CA ILE A 189 2.13 -6.49 -8.08
C ILE A 189 1.87 -5.14 -8.73
N ASP A 190 2.84 -4.65 -9.51
CA ASP A 190 2.66 -3.36 -10.18
C ASP A 190 1.41 -3.34 -11.04
N ILE A 191 1.16 -4.45 -11.73
CA ILE A 191 0.02 -4.51 -12.64
C ILE A 191 -1.30 -4.59 -11.89
N VAL A 192 -1.40 -5.47 -10.89
CA VAL A 192 -2.72 -5.65 -10.25
C VAL A 192 -3.06 -4.41 -9.43
N LEU A 193 -2.09 -3.78 -8.78
CA LEU A 193 -2.42 -2.56 -8.02
C LEU A 193 -2.96 -1.47 -8.95
N ALA A 194 -2.48 -1.44 -10.19
CA ALA A 194 -2.97 -0.47 -11.17
C ALA A 194 -4.39 -0.73 -11.68
N THR A 195 -5.00 -1.88 -11.33
CA THR A 195 -6.39 -2.12 -11.73
C THR A 195 -7.38 -1.47 -10.77
N ASP A 196 -6.87 -0.87 -9.69
CA ASP A 196 -7.71 -0.15 -8.74
C ASP A 196 -8.30 1.06 -9.49
N MET A 197 -9.63 1.10 -9.63
CA MET A 197 -10.28 2.11 -10.46
C MET A 197 -10.00 3.54 -9.98
N SER A 198 -9.65 3.67 -8.70
CA SER A 198 -9.34 4.99 -8.16
C SER A 198 -8.04 5.53 -8.74
N LYS A 199 -7.30 4.66 -9.45
CA LYS A 199 -6.04 5.11 -10.05
C LYS A 199 -6.18 5.36 -11.55
N HIS A 200 -7.39 5.21 -12.05
CA HIS A 200 -7.65 5.32 -13.48
C HIS A 200 -7.20 6.64 -14.10
N MET A 201 -7.57 7.75 -13.46
CA MET A 201 -7.23 9.07 -14.01
C MET A 201 -5.72 9.27 -14.09
N ASN A 202 -4.99 8.88 -13.04
CA ASN A 202 -3.55 9.05 -13.05
C ASN A 202 -2.89 8.16 -14.09
N LEU A 203 -3.34 6.91 -14.14
CA LEU A 203 -2.87 5.96 -15.12
C LEU A 203 -3.09 6.48 -16.55
N LEU A 204 -4.28 7.01 -16.80
CA LEU A 204 -4.61 7.49 -18.14
C LEU A 204 -3.79 8.72 -18.49
N ALA A 205 -3.66 9.64 -17.54
CA ALA A 205 -2.88 10.85 -17.74
C ALA A 205 -1.46 10.51 -18.15
N ASP A 206 -0.87 9.51 -17.50
CA ASP A 206 0.48 9.09 -17.84
C ASP A 206 0.55 8.35 -19.17
N LEU A 207 -0.51 7.63 -19.50
CA LEU A 207 -0.58 6.94 -20.79
C LEU A 207 -0.68 7.94 -21.94
N LYS A 208 -1.38 9.04 -21.71
CA LYS A 208 -1.46 10.13 -22.69
C LYS A 208 -0.05 10.72 -22.91
N THR A 209 0.67 10.94 -21.82
CA THR A 209 2.05 11.43 -21.92
C THR A 209 2.92 10.52 -22.76
N MET A 210 2.73 9.21 -22.61
CA MET A 210 3.52 8.25 -23.35
C MET A 210 3.19 8.26 -24.84
N VAL A 211 1.92 8.42 -25.16
CA VAL A 211 1.48 8.55 -26.54
C VAL A 211 2.07 9.79 -27.22
N GLU A 212 2.05 10.91 -26.52
CA GLU A 212 2.59 12.17 -27.04
C GLU A 212 4.07 12.05 -27.42
N THR A 213 4.79 11.16 -26.73
CA THR A 213 6.22 11.05 -26.96
C THR A 213 6.64 9.66 -27.44
N LYS A 214 5.74 8.95 -28.08
CA LYS A 214 6.00 7.57 -28.43
C LYS A 214 7.04 7.44 -29.53
N LYS A 215 7.85 6.38 -29.44
CA LYS A 215 8.86 6.08 -30.44
C LYS A 215 8.53 4.77 -31.11
N VAL A 216 8.54 4.78 -32.43
CA VAL A 216 8.22 3.58 -33.18
C VAL A 216 9.30 3.33 -34.22
N THR A 217 9.49 2.06 -34.56
CA THR A 217 10.37 1.73 -35.66
C THR A 217 9.69 2.11 -36.96
N SER A 218 10.35 1.84 -38.07
CA SER A 218 9.79 2.11 -39.39
C SER A 218 8.45 1.39 -39.58
N SER A 219 8.33 0.20 -39.02
CA SER A 219 7.14 -0.62 -39.21
C SER A 219 6.05 -0.34 -38.17
N GLY A 220 6.25 0.70 -37.37
CA GLY A 220 5.25 1.11 -36.40
C GLY A 220 5.24 0.31 -35.11
N VAL A 221 6.34 -0.41 -34.86
CA VAL A 221 6.49 -1.17 -33.63
C VAL A 221 7.06 -0.30 -32.51
N LEU A 222 6.44 -0.37 -31.33
CA LEU A 222 6.80 0.50 -30.22
C LEU A 222 8.21 0.22 -29.72
N LEU A 223 8.89 1.29 -29.34
CA LEU A 223 10.24 1.17 -28.80
C LEU A 223 10.22 1.57 -27.33
N LEU A 224 10.18 0.58 -26.45
CA LEU A 224 10.18 0.83 -25.01
C LEU A 224 11.61 0.74 -24.51
N ASP A 225 12.01 1.66 -23.63
CA ASP A 225 13.42 1.82 -23.28
C ASP A 225 13.85 1.19 -21.98
N ASN A 226 12.91 0.96 -21.08
CA ASN A 226 13.26 0.52 -19.73
C ASN A 226 12.05 -0.03 -19.00
N TYR A 227 12.26 -0.43 -17.75
CA TYR A 227 11.19 -1.02 -16.94
C TYR A 227 9.98 -0.10 -16.81
N SER A 228 10.25 1.19 -16.57
CA SER A 228 9.18 2.15 -16.43
C SER A 228 8.26 2.14 -17.65
N ASP A 229 8.86 2.17 -18.84
CA ASP A 229 8.09 2.10 -20.08
C ASP A 229 7.30 0.80 -20.20
N ARG A 230 7.98 -0.33 -20.03
CA ARG A 230 7.36 -1.64 -20.23
C ARG A 230 6.21 -1.88 -19.24
N ILE A 231 6.48 -1.62 -17.95
CA ILE A 231 5.47 -1.85 -16.93
C ILE A 231 4.28 -0.91 -17.10
N GLN A 232 4.54 0.30 -17.60
CA GLN A 232 3.46 1.24 -17.83
C GLN A 232 2.54 0.73 -18.95
N VAL A 233 3.13 0.22 -20.03
CA VAL A 233 2.32 -0.33 -21.11
C VAL A 233 1.56 -1.55 -20.60
N LEU A 234 2.21 -2.39 -19.80
CA LEU A 234 1.53 -3.59 -19.28
C LEU A 234 0.39 -3.22 -18.32
N GLN A 235 0.64 -2.24 -17.45
CA GLN A 235 -0.40 -1.78 -16.52
C GLN A 235 -1.62 -1.30 -17.28
N ASN A 236 -1.38 -0.47 -18.30
CA ASN A 236 -2.50 0.07 -19.05
C ASN A 236 -3.17 -0.99 -19.90
N MET A 237 -2.39 -1.94 -20.40
CA MET A 237 -2.92 -3.04 -21.18
C MET A 237 -3.94 -3.86 -20.39
N VAL A 238 -3.58 -4.22 -19.16
CA VAL A 238 -4.44 -5.06 -18.34
C VAL A 238 -5.64 -4.23 -17.84
N HIS A 239 -5.41 -2.96 -17.57
CA HIS A 239 -6.51 -2.04 -17.23
C HIS A 239 -7.50 -1.92 -18.41
N CYS A 240 -6.98 -1.80 -19.63
CA CYS A 240 -7.84 -1.84 -20.81
C CYS A 240 -8.62 -3.15 -20.88
N ALA A 241 -7.95 -4.26 -20.61
CA ALA A 241 -8.60 -5.56 -20.69
C ALA A 241 -9.68 -5.67 -19.62
N ASP A 242 -9.39 -5.14 -18.44
CA ASP A 242 -10.37 -5.08 -17.35
C ASP A 242 -11.61 -4.27 -17.78
N LEU A 243 -11.36 -3.19 -18.50
CA LEU A 243 -12.42 -2.29 -18.99
C LEU A 243 -12.77 -2.54 -20.45
N SER A 244 -12.73 -3.79 -20.90
CA SER A 244 -12.95 -4.07 -22.32
C SER A 244 -14.39 -4.47 -22.65
N ASN A 245 -15.26 -4.62 -21.64
CA ASN A 245 -16.63 -5.10 -21.91
C ASN A 245 -17.34 -4.30 -23.01
N PRO A 246 -17.29 -2.96 -22.93
CA PRO A 246 -18.06 -2.20 -23.93
C PRO A 246 -17.48 -2.23 -25.33
N THR A 247 -16.29 -2.80 -25.49
CA THR A 247 -15.64 -2.86 -26.81
C THR A 247 -15.85 -4.21 -27.47
N LYS A 248 -16.50 -5.11 -26.75
CA LYS A 248 -16.74 -6.45 -27.26
C LYS A 248 -18.00 -6.49 -28.14
N PRO A 249 -18.15 -7.54 -28.95
CA PRO A 249 -19.41 -7.79 -29.66
C PRO A 249 -20.61 -7.57 -28.76
N LEU A 250 -21.63 -6.89 -29.26
CA LEU A 250 -22.73 -6.42 -28.44
C LEU A 250 -23.34 -7.48 -27.54
N GLN A 251 -23.46 -8.71 -28.02
CA GLN A 251 -24.14 -9.71 -27.22
C GLN A 251 -23.37 -10.03 -25.95
N LEU A 252 -22.04 -10.00 -26.04
CA LEU A 252 -21.18 -10.15 -24.88
C LEU A 252 -21.35 -9.00 -23.92
N TYR A 253 -21.25 -7.79 -24.48
CA TYR A 253 -21.39 -6.56 -23.72
C TYR A 253 -22.72 -6.54 -22.95
N ARG A 254 -23.78 -7.01 -23.59
CA ARG A 254 -25.09 -6.94 -22.95
C ARG A 254 -25.12 -7.86 -21.74
N GLN A 255 -24.53 -9.04 -21.86
CA GLN A 255 -24.51 -9.92 -20.71
C GLN A 255 -23.64 -9.35 -19.59
N TRP A 256 -22.50 -8.74 -19.94
CA TRP A 256 -21.63 -8.16 -18.91
C TRP A 256 -22.36 -7.05 -18.17
N THR A 257 -23.18 -6.29 -18.89
CA THR A 257 -23.90 -5.19 -18.28
C THR A 257 -24.94 -5.73 -17.31
N ASP A 258 -25.67 -6.75 -17.76
CA ASP A 258 -26.64 -7.42 -16.89
C ASP A 258 -26.00 -7.90 -15.58
N ARG A 259 -24.78 -8.47 -15.68
CA ARG A 259 -24.08 -9.02 -14.50
C ARG A 259 -23.56 -7.95 -13.54
N ILE A 260 -22.94 -6.90 -14.06
CA ILE A 260 -22.42 -5.84 -13.19
C ILE A 260 -23.56 -5.14 -12.47
N MET A 261 -24.70 -4.98 -13.15
CA MET A 261 -25.83 -4.32 -12.49
C MET A 261 -26.41 -5.20 -11.39
N GLU A 262 -26.44 -6.51 -11.60
CA GLU A 262 -26.89 -7.46 -10.59
C GLU A 262 -26.00 -7.38 -9.35
N GLU A 263 -24.70 -7.32 -9.58
CA GLU A 263 -23.76 -7.24 -8.46
C GLU A 263 -23.83 -5.87 -7.79
N PHE A 264 -23.88 -4.79 -8.58
CA PHE A 264 -24.08 -3.46 -7.99
C PHE A 264 -25.36 -3.42 -7.15
N PHE A 265 -26.45 -3.93 -7.71
CA PHE A 265 -27.73 -3.87 -7.00
C PHE A 265 -27.67 -4.62 -5.67
N ARG A 266 -26.96 -5.75 -5.65
CA ARG A 266 -26.85 -6.51 -4.40
C ARG A 266 -26.07 -5.69 -3.37
N GLN A 267 -25.06 -4.94 -3.80
CA GLN A 267 -24.37 -4.06 -2.85
C GLN A 267 -25.27 -2.94 -2.32
N GLY A 268 -26.05 -2.33 -3.21
CA GLY A 268 -27.01 -1.32 -2.79
C GLY A 268 -28.02 -1.87 -1.78
N ASP A 269 -28.44 -3.12 -1.97
CA ASP A 269 -29.37 -3.75 -1.03
C ASP A 269 -28.71 -3.82 0.35
N ARG A 270 -27.42 -4.15 0.38
CA ARG A 270 -26.68 -4.23 1.65
C ARG A 270 -26.56 -2.84 2.28
N GLU A 271 -26.33 -1.83 1.45
CA GLU A 271 -26.22 -0.45 1.94
C GLU A 271 -27.57 0.01 2.49
N ARG A 272 -28.63 -0.23 1.71
CA ARG A 272 -29.96 0.20 2.10
C ARG A 272 -30.34 -0.44 3.42
N GLU A 273 -30.03 -1.73 3.54
CA GLU A 273 -30.38 -2.49 4.72
C GLU A 273 -29.68 -1.95 5.97
N ARG A 274 -28.49 -1.39 5.79
CA ARG A 274 -27.69 -0.87 6.91
C ARG A 274 -27.91 0.63 7.11
N GLY A 275 -28.86 1.19 6.38
CA GLY A 275 -29.17 2.62 6.51
C GLY A 275 -28.09 3.53 5.96
N MET A 276 -27.29 3.01 5.04
CA MET A 276 -26.21 3.81 4.44
C MET A 276 -26.72 4.48 3.17
N GLU A 277 -26.05 5.57 2.79
CA GLU A 277 -26.29 6.17 1.48
C GLU A 277 -26.01 5.10 0.43
N ILE A 278 -26.92 4.93 -0.53
CA ILE A 278 -26.70 3.90 -1.52
C ILE A 278 -25.70 4.42 -2.55
N SER A 279 -24.74 3.58 -2.92
CA SER A 279 -23.68 4.01 -3.82
C SER A 279 -24.24 4.29 -5.20
N PRO A 280 -23.56 5.18 -5.93
CA PRO A 280 -23.92 5.50 -7.32
C PRO A 280 -24.18 4.25 -8.16
N MET A 281 -25.35 4.20 -8.78
CA MET A 281 -25.72 3.12 -9.71
C MET A 281 -25.96 1.78 -9.01
N CYS A 282 -26.06 1.81 -7.68
CA CYS A 282 -26.34 0.58 -6.96
C CYS A 282 -27.78 0.50 -6.44
N ASP A 283 -28.62 1.46 -6.82
CA ASP A 283 -30.00 1.46 -6.34
C ASP A 283 -30.95 0.88 -7.39
N LYS A 284 -31.38 -0.36 -7.19
CA LYS A 284 -32.22 -1.05 -8.16
C LYS A 284 -33.57 -0.35 -8.31
N HIS A 285 -33.94 0.44 -7.31
CA HIS A 285 -35.22 1.16 -7.34
C HIS A 285 -35.11 2.46 -8.14
N ASN A 286 -33.88 2.91 -8.36
CA ASN A 286 -33.66 4.16 -9.07
C ASN A 286 -32.46 4.07 -9.98
N ALA A 287 -32.52 3.20 -10.97
CA ALA A 287 -31.38 3.02 -11.87
C ALA A 287 -31.74 3.44 -13.28
N SER A 288 -30.72 3.78 -14.04
CA SER A 288 -30.88 4.05 -15.46
C SER A 288 -29.74 3.33 -16.13
N VAL A 289 -29.88 2.01 -16.19
CA VAL A 289 -28.82 1.13 -16.69
C VAL A 289 -28.23 1.60 -18.01
N GLU A 290 -29.09 1.97 -18.94
CA GLU A 290 -28.64 2.31 -20.29
C GLU A 290 -27.94 3.67 -20.32
N LYS A 291 -28.54 4.65 -19.65
CA LYS A 291 -27.94 5.96 -19.53
C LYS A 291 -26.57 5.85 -18.85
N SER A 292 -26.46 4.91 -17.91
CA SER A 292 -25.24 4.77 -17.14
C SER A 292 -24.12 4.14 -17.97
N GLN A 293 -24.48 3.20 -18.84
CA GLN A 293 -23.49 2.61 -19.73
C GLN A 293 -22.94 3.66 -20.68
N VAL A 294 -23.81 4.57 -21.14
CA VAL A 294 -23.36 5.63 -22.04
C VAL A 294 -22.42 6.59 -21.31
N GLY A 295 -22.76 6.96 -20.08
CA GLY A 295 -21.88 7.79 -19.27
C GLY A 295 -20.54 7.13 -18.98
N PHE A 296 -20.57 5.81 -18.85
CA PHE A 296 -19.40 4.98 -18.55
C PHE A 296 -18.42 5.04 -19.73
N ILE A 297 -18.99 4.86 -20.91
CA ILE A 297 -18.23 4.90 -22.14
C ILE A 297 -17.69 6.31 -22.37
N ASP A 298 -18.56 7.31 -22.31
CA ASP A 298 -18.14 8.70 -22.55
C ASP A 298 -17.03 9.19 -21.62
N TYR A 299 -17.09 8.82 -20.36
CA TYR A 299 -16.20 9.43 -19.38
C TYR A 299 -15.02 8.55 -18.97
N ILE A 300 -15.16 7.24 -19.14
CA ILE A 300 -14.10 6.32 -18.75
C ILE A 300 -13.57 5.45 -19.90
N VAL A 301 -14.44 4.70 -20.56
CA VAL A 301 -13.98 3.63 -21.45
C VAL A 301 -13.47 4.18 -22.77
N HIS A 302 -14.18 5.11 -23.37
CA HIS A 302 -13.73 5.65 -24.66
C HIS A 302 -12.44 6.46 -24.48
N PRO A 303 -12.38 7.35 -23.48
CA PRO A 303 -11.13 8.11 -23.31
C PRO A 303 -9.91 7.19 -23.15
N LEU A 304 -10.07 6.05 -22.49
CA LEU A 304 -8.97 5.11 -22.30
C LEU A 304 -8.63 4.42 -23.61
N TRP A 305 -9.65 3.88 -24.27
CA TRP A 305 -9.41 3.06 -25.44
C TRP A 305 -9.00 3.90 -26.65
N GLU A 306 -9.45 5.16 -26.68
CA GLU A 306 -9.02 6.08 -27.73
C GLU A 306 -7.53 6.35 -27.55
N THR A 307 -7.10 6.43 -26.29
CA THR A 307 -5.70 6.66 -25.99
C THR A 307 -4.86 5.40 -26.27
N TRP A 308 -5.37 4.22 -25.91
CA TRP A 308 -4.69 2.98 -26.26
C TRP A 308 -4.61 2.84 -27.80
N ALA A 309 -5.72 3.11 -28.47
CA ALA A 309 -5.77 3.03 -29.93
C ALA A 309 -4.70 3.92 -30.56
N ASP A 310 -4.44 5.05 -29.91
CA ASP A 310 -3.40 5.98 -30.34
C ASP A 310 -2.03 5.33 -30.25
N LEU A 311 -1.75 4.71 -29.10
CA LEU A 311 -0.48 4.06 -28.86
C LEU A 311 -0.14 2.99 -29.89
N VAL A 312 -1.13 2.18 -30.26
CA VAL A 312 -0.90 1.03 -31.14
C VAL A 312 -1.46 1.23 -32.55
N HIS A 313 -1.71 2.48 -32.93
CA HIS A 313 -2.37 2.81 -34.21
C HIS A 313 -1.73 2.08 -35.39
N PRO A 314 -2.55 1.48 -36.26
CA PRO A 314 -4.02 1.45 -36.25
C PRO A 314 -4.59 0.14 -35.71
N ASP A 315 -3.80 -0.58 -34.90
CA ASP A 315 -4.14 -1.95 -34.51
C ASP A 315 -5.52 -2.10 -33.89
N ALA A 316 -5.95 -1.08 -33.15
CA ALA A 316 -7.16 -1.18 -32.34
C ALA A 316 -8.35 -0.45 -32.94
N GLN A 317 -8.26 -0.11 -34.21
CA GLN A 317 -9.33 0.66 -34.86
C GLN A 317 -10.70 -0.03 -34.77
N ASP A 318 -10.74 -1.34 -35.02
CA ASP A 318 -12.01 -2.08 -35.01
C ASP A 318 -12.63 -2.09 -33.61
N ILE A 319 -11.78 -2.26 -32.60
CA ILE A 319 -12.21 -2.23 -31.21
C ILE A 319 -12.87 -0.90 -30.90
N LEU A 320 -12.22 0.18 -31.33
CA LEU A 320 -12.77 1.52 -31.17
C LEU A 320 -14.12 1.70 -31.89
N ASP A 321 -14.21 1.20 -33.12
CA ASP A 321 -15.46 1.25 -33.89
C ASP A 321 -16.60 0.49 -33.21
N THR A 322 -16.27 -0.66 -32.62
CA THR A 322 -17.27 -1.47 -31.93
C THR A 322 -17.73 -0.76 -30.66
N LEU A 323 -16.79 -0.16 -29.95
CA LEU A 323 -17.13 0.64 -28.79
C LEU A 323 -18.14 1.71 -29.15
N GLU A 324 -17.92 2.38 -30.28
CA GLU A 324 -18.77 3.50 -30.64
C GLU A 324 -20.14 2.98 -31.09
N ASP A 325 -20.16 1.82 -31.76
CA ASP A 325 -21.44 1.22 -32.14
C ASP A 325 -22.22 0.85 -30.88
N ASN A 326 -21.55 0.21 -29.93
CA ASN A 326 -22.20 -0.23 -28.70
C ASN A 326 -22.70 0.95 -27.88
N ARG A 327 -21.95 2.05 -27.89
CA ARG A 327 -22.42 3.26 -27.22
C ARG A 327 -23.80 3.68 -27.76
N GLU A 328 -23.97 3.59 -29.08
CA GLU A 328 -25.22 3.95 -29.73
C GLU A 328 -26.34 2.96 -29.44
N TRP A 329 -25.98 1.70 -29.24
CA TRP A 329 -26.98 0.73 -28.82
C TRP A 329 -27.62 1.14 -27.49
N TYR A 330 -26.81 1.44 -26.48
CA TYR A 330 -27.39 1.77 -25.19
C TYR A 330 -28.08 3.12 -25.24
N GLN A 331 -27.51 4.05 -26.00
CA GLN A 331 -28.13 5.35 -26.20
C GLN A 331 -29.56 5.22 -26.77
N SER A 332 -29.71 4.40 -27.80
CA SER A 332 -30.99 4.28 -28.50
C SER A 332 -31.96 3.43 -27.70
N THR A 333 -31.47 2.99 -26.56
CA THR A 333 -32.17 2.03 -25.73
C THR A 333 -32.57 2.65 -24.39
N ILE A 334 -32.23 3.93 -24.18
CA ILE A 334 -32.71 4.69 -23.03
C ILE A 334 -34.22 4.90 -23.16
N PRO A 335 -35.00 4.47 -22.16
CA PRO A 335 -36.46 4.63 -22.22
C PRO A 335 -36.92 6.08 -22.40
N ASP B 14 6.26 9.31 43.13
CA ASP B 14 7.56 9.28 43.77
C ASP B 14 8.64 9.94 42.91
N VAL B 15 9.76 9.24 42.74
CA VAL B 15 10.79 9.69 41.82
C VAL B 15 10.23 9.80 40.41
N LEU B 16 9.33 8.88 40.06
CA LEU B 16 8.70 8.83 38.75
C LEU B 16 7.99 10.14 38.41
N ALA B 17 7.20 10.65 39.34
CA ALA B 17 6.49 11.92 39.15
C ALA B 17 7.49 13.05 38.92
N LYS B 18 8.66 12.94 39.56
CA LYS B 18 9.71 13.93 39.38
C LYS B 18 10.32 13.86 37.99
N GLU B 19 10.50 12.65 37.48
CA GLU B 19 11.05 12.48 36.14
C GLU B 19 10.03 12.93 35.10
N LEU B 20 8.76 12.68 35.38
CA LEU B 20 7.70 13.03 34.43
C LEU B 20 7.45 14.54 34.41
N GLU B 21 8.13 15.27 35.27
CA GLU B 21 8.08 16.73 35.24
C GLU B 21 8.78 17.27 34.00
N ASP B 22 9.68 16.47 33.44
CA ASP B 22 10.45 16.89 32.27
C ASP B 22 9.77 16.50 30.96
N VAL B 23 8.50 16.11 31.04
CA VAL B 23 7.81 15.56 29.86
C VAL B 23 7.68 16.56 28.72
N ASN B 24 7.76 17.85 29.05
CA ASN B 24 7.68 18.86 28.00
C ASN B 24 9.05 19.28 27.50
N LYS B 25 10.08 18.54 27.90
CA LYS B 25 11.46 18.87 27.55
C LYS B 25 12.15 17.81 26.70
N TRP B 26 12.85 18.26 25.67
CA TRP B 26 13.74 17.40 24.89
C TRP B 26 14.81 16.77 25.77
N GLY B 27 14.87 15.44 25.82
CA GLY B 27 15.88 14.80 26.63
C GLY B 27 15.37 14.18 27.92
N LEU B 28 14.04 14.05 28.01
CA LEU B 28 13.41 13.28 29.09
C LEU B 28 14.14 11.97 29.34
N HIS B 29 14.43 11.64 30.60
CA HIS B 29 15.11 10.39 30.90
C HIS B 29 14.11 9.24 30.75
N VAL B 30 13.87 8.82 29.51
CA VAL B 30 12.83 7.84 29.22
C VAL B 30 13.18 6.43 29.71
N PHE B 31 14.46 6.12 29.76
CA PHE B 31 14.91 4.83 30.28
C PHE B 31 14.67 4.72 31.79
N ARG B 32 14.83 5.84 32.50
CA ARG B 32 14.53 5.88 33.93
C ARG B 32 13.05 5.62 34.18
N ILE B 33 12.22 6.34 33.43
CA ILE B 33 10.78 6.18 33.49
C ILE B 33 10.37 4.74 33.18
N ALA B 34 11.10 4.08 32.30
CA ALA B 34 10.82 2.68 31.96
C ALA B 34 11.08 1.78 33.15
N GLU B 35 12.25 1.93 33.76
CA GLU B 35 12.57 1.23 34.99
C GLU B 35 11.52 1.52 36.07
N LEU B 36 11.35 2.80 36.37
CA LEU B 36 10.51 3.25 37.47
C LEU B 36 9.03 2.86 37.36
N SER B 37 8.54 2.70 36.13
CA SER B 37 7.13 2.41 35.90
C SER B 37 6.84 0.92 35.78
N GLY B 38 7.87 0.10 35.99
CA GLY B 38 7.70 -1.34 35.88
C GLY B 38 7.59 -1.76 34.43
N ASN B 39 8.39 -1.12 33.59
CA ASN B 39 8.39 -1.34 32.14
C ASN B 39 7.08 -0.88 31.49
N ARG B 40 6.56 0.25 31.95
CA ARG B 40 5.35 0.82 31.36
C ARG B 40 5.51 2.27 30.91
N PRO B 41 6.65 2.58 30.25
CA PRO B 41 6.90 3.97 29.83
C PRO B 41 5.89 4.49 28.81
N LEU B 42 5.42 3.64 27.90
CA LEU B 42 4.47 4.11 26.89
C LEU B 42 3.17 4.50 27.57
N THR B 43 2.70 3.65 28.48
CA THR B 43 1.45 3.92 29.19
C THR B 43 1.55 5.20 30.02
N VAL B 44 2.60 5.31 30.84
CA VAL B 44 2.73 6.46 31.75
C VAL B 44 2.97 7.75 31.00
N ILE B 45 3.76 7.71 29.93
CA ILE B 45 4.05 8.91 29.16
C ILE B 45 2.84 9.36 28.31
N MET B 46 2.13 8.43 27.70
CA MET B 46 0.91 8.78 26.97
C MET B 46 -0.13 9.38 27.93
N HIS B 47 -0.30 8.76 29.08
CA HIS B 47 -1.25 9.25 30.07
C HIS B 47 -0.92 10.70 30.47
N THR B 48 0.33 10.92 30.84
CA THR B 48 0.81 12.25 31.21
C THR B 48 0.53 13.28 30.12
N ILE B 49 0.89 12.93 28.88
CA ILE B 49 0.70 13.87 27.78
C ILE B 49 -0.78 14.12 27.47
N PHE B 50 -1.61 13.08 27.58
CA PHE B 50 -3.04 13.28 27.37
C PHE B 50 -3.59 14.21 28.46
N GLN B 51 -3.17 14.01 29.70
CA GLN B 51 -3.61 14.89 30.78
CA GLN B 51 -3.59 14.88 30.79
C GLN B 51 -3.09 16.31 30.55
N GLU B 52 -1.80 16.42 30.26
CA GLU B 52 -1.15 17.70 30.01
C GLU B 52 -1.85 18.49 28.91
N ARG B 53 -2.29 17.80 27.88
CA ARG B 53 -2.91 18.47 26.74
C ARG B 53 -4.43 18.53 26.87
N ASP B 54 -4.93 18.04 28.00
CA ASP B 54 -6.36 18.05 28.31
C ASP B 54 -7.15 17.24 27.28
N LEU B 55 -6.53 16.20 26.75
CA LEU B 55 -7.13 15.43 25.65
C LEU B 55 -8.32 14.59 26.09
N LEU B 56 -8.31 14.11 27.34
CA LEU B 56 -9.41 13.32 27.86
C LEU B 56 -10.71 14.11 27.89
N LYS B 57 -10.65 15.35 28.37
CA LYS B 57 -11.83 16.20 28.42
C LYS B 57 -12.26 16.60 27.03
N THR B 58 -11.31 17.01 26.19
CA THR B 58 -11.65 17.48 24.85
C THR B 58 -12.37 16.40 24.06
N PHE B 59 -11.95 15.14 24.23
CA PHE B 59 -12.50 14.06 23.41
C PHE B 59 -13.28 13.03 24.23
N LYS B 60 -13.64 13.43 25.44
CA LYS B 60 -14.47 12.62 26.33
C LYS B 60 -13.96 11.20 26.43
N ILE B 61 -12.65 11.07 26.59
CA ILE B 61 -12.02 9.76 26.70
C ILE B 61 -12.07 9.31 28.15
N PRO B 62 -12.78 8.21 28.44
CA PRO B 62 -12.75 7.67 29.80
C PRO B 62 -11.33 7.26 30.16
N VAL B 63 -10.90 7.60 31.37
CA VAL B 63 -9.53 7.36 31.78
C VAL B 63 -9.26 5.87 31.93
N ASP B 64 -10.30 5.10 32.22
CA ASP B 64 -10.14 3.66 32.34
C ASP B 64 -9.95 3.04 30.95
N THR B 65 -10.68 3.59 29.98
CA THR B 65 -10.57 3.18 28.58
C THR B 65 -9.17 3.44 28.06
N LEU B 66 -8.69 4.66 28.28
CA LEU B 66 -7.36 5.07 27.82
C LEU B 66 -6.29 4.14 28.36
N ILE B 67 -6.29 3.92 29.67
CA ILE B 67 -5.26 3.11 30.28
C ILE B 67 -5.33 1.66 29.83
N THR B 68 -6.55 1.17 29.63
CA THR B 68 -6.72 -0.20 29.16
C THR B 68 -6.13 -0.33 27.77
N TYR B 69 -6.48 0.60 26.89
CA TYR B 69 -5.94 0.56 25.54
C TYR B 69 -4.42 0.67 25.55
N LEU B 70 -3.90 1.61 26.34
CA LEU B 70 -2.46 1.85 26.36
C LEU B 70 -1.69 0.65 26.86
N MET B 71 -2.22 -0.04 27.87
CA MET B 71 -1.52 -1.19 28.40
CA MET B 71 -1.55 -1.21 28.41
C MET B 71 -1.52 -2.35 27.40
N THR B 72 -2.62 -2.52 26.68
CA THR B 72 -2.70 -3.53 25.63
C THR B 72 -1.75 -3.19 24.47
N LEU B 73 -1.73 -1.92 24.10
CA LEU B 73 -0.82 -1.44 23.05
C LEU B 73 0.63 -1.72 23.43
N GLU B 74 1.00 -1.31 24.64
CA GLU B 74 2.36 -1.51 25.12
C GLU B 74 2.71 -3.00 25.17
N ASP B 75 1.75 -3.83 25.59
CA ASP B 75 1.91 -5.28 25.58
C ASP B 75 2.27 -5.84 24.21
N HIS B 76 1.88 -5.14 23.16
CA HIS B 76 2.07 -5.69 21.82
C HIS B 76 3.36 -5.16 21.19
N TYR B 77 4.12 -4.35 21.93
CA TYR B 77 5.52 -4.15 21.60
C TYR B 77 6.31 -5.29 22.23
N HIS B 78 7.29 -5.81 21.49
CA HIS B 78 8.01 -6.99 21.93
C HIS B 78 9.12 -6.65 22.92
N ALA B 79 9.08 -7.29 24.09
CA ALA B 79 10.11 -7.08 25.10
C ALA B 79 11.49 -7.51 24.63
N ASP B 80 11.55 -8.58 23.84
CA ASP B 80 12.82 -9.19 23.43
C ASP B 80 13.43 -8.56 22.18
N VAL B 81 12.82 -7.48 21.70
CA VAL B 81 13.33 -6.73 20.58
C VAL B 81 14.06 -5.51 21.16
N ALA B 82 15.36 -5.39 20.87
CA ALA B 82 16.23 -4.49 21.62
C ALA B 82 15.96 -3.01 21.38
N TYR B 83 15.58 -2.62 20.16
CA TYR B 83 15.33 -1.21 19.88
C TYR B 83 13.84 -0.94 19.67
N HIS B 84 13.24 -1.71 18.77
CA HIS B 84 11.87 -1.42 18.35
C HIS B 84 10.86 -1.98 19.33
N ASN B 85 10.90 -1.42 20.54
CA ASN B 85 10.06 -1.84 21.64
C ASN B 85 9.27 -0.67 22.21
N ASN B 86 8.63 -0.90 23.34
CA ASN B 86 7.77 0.12 23.95
C ASN B 86 8.51 1.36 24.41
N ILE B 87 9.81 1.24 24.71
CA ILE B 87 10.58 2.41 25.12
C ILE B 87 10.77 3.34 23.92
N HIS B 88 11.09 2.75 22.76
CA HIS B 88 11.17 3.53 21.53
C HIS B 88 9.83 4.24 21.22
N ALA B 89 8.73 3.49 21.29
CA ALA B 89 7.40 4.06 21.15
C ALA B 89 7.18 5.26 22.08
N ALA B 90 7.49 5.08 23.36
CA ALA B 90 7.31 6.14 24.34
C ALA B 90 8.17 7.35 23.98
N ASP B 91 9.39 7.09 23.52
CA ASP B 91 10.33 8.14 23.12
C ASP B 91 9.81 8.95 21.94
N VAL B 92 9.26 8.26 20.94
CA VAL B 92 8.76 8.95 19.75
C VAL B 92 7.51 9.77 20.10
N VAL B 93 6.63 9.18 20.92
CA VAL B 93 5.48 9.89 21.45
C VAL B 93 5.90 11.19 22.13
N GLN B 94 6.85 11.10 23.05
CA GLN B 94 7.23 12.27 23.83
C GLN B 94 7.98 13.30 22.97
N SER B 95 8.81 12.83 22.04
CA SER B 95 9.49 13.76 21.15
C SER B 95 8.50 14.48 20.25
N THR B 96 7.52 13.75 19.73
CA THR B 96 6.49 14.39 18.91
C THR B 96 5.73 15.42 19.75
N HIS B 97 5.44 15.06 20.99
CA HIS B 97 4.78 15.99 21.93
C HIS B 97 5.57 17.31 22.06
N VAL B 98 6.88 17.22 22.16
CA VAL B 98 7.71 18.43 22.22
C VAL B 98 7.66 19.20 20.91
N LEU B 99 7.81 18.51 19.78
CA LEU B 99 7.83 19.22 18.49
C LEU B 99 6.51 19.93 18.20
N LEU B 100 5.39 19.36 18.66
CA LEU B 100 4.07 19.94 18.45
C LEU B 100 3.97 21.32 19.09
N SER B 101 4.72 21.52 20.16
CA SER B 101 4.65 22.77 20.91
C SER B 101 5.64 23.81 20.42
N THR B 102 6.34 23.52 19.31
CA THR B 102 7.34 24.46 18.81
C THR B 102 6.67 25.80 18.47
N PRO B 103 7.31 26.91 18.86
CA PRO B 103 6.64 28.22 18.72
C PRO B 103 6.17 28.52 17.30
N ALA B 104 6.92 28.08 16.29
CA ALA B 104 6.58 28.33 14.90
C ALA B 104 5.25 27.65 14.51
N LEU B 105 4.77 26.75 15.37
CA LEU B 105 3.54 26.01 15.05
C LEU B 105 2.41 26.30 16.03
N GLU B 106 2.57 27.35 16.83
CA GLU B 106 1.60 27.70 17.86
C GLU B 106 0.19 27.92 17.27
N ALA B 107 -0.78 27.20 17.82
CA ALA B 107 -2.17 27.26 17.35
C ALA B 107 -2.31 27.03 15.84
N VAL B 108 -1.45 26.20 15.27
CA VAL B 108 -1.60 25.85 13.86
C VAL B 108 -2.52 24.64 13.72
N PHE B 109 -2.33 23.65 14.60
CA PHE B 109 -3.03 22.38 14.49
C PHE B 109 -4.22 22.26 15.42
N THR B 110 -5.29 21.63 14.93
CA THR B 110 -6.46 21.39 15.75
C THR B 110 -6.14 20.34 16.80
N ASP B 111 -7.02 20.21 17.79
CA ASP B 111 -6.83 19.20 18.84
C ASP B 111 -6.86 17.79 18.24
N LEU B 112 -7.65 17.63 17.18
CA LEU B 112 -7.78 16.32 16.53
C LEU B 112 -6.49 15.96 15.79
N GLU B 113 -5.89 16.97 15.17
CA GLU B 113 -4.63 16.80 14.46
C GLU B 113 -3.52 16.47 15.46
N ILE B 114 -3.54 17.16 16.59
CA ILE B 114 -2.62 16.87 17.68
C ILE B 114 -2.84 15.45 18.20
N LEU B 115 -4.10 15.08 18.38
CA LEU B 115 -4.41 13.73 18.85
C LEU B 115 -3.95 12.70 17.82
N ALA B 116 -4.09 13.02 16.53
CA ALA B 116 -3.68 12.07 15.50
C ALA B 116 -2.17 11.85 15.48
N ALA B 117 -1.41 12.95 15.60
CA ALA B 117 0.04 12.87 15.58
C ALA B 117 0.58 12.07 16.78
N ILE B 118 -0.02 12.27 17.95
CA ILE B 118 0.46 11.58 19.14
C ILE B 118 0.07 10.10 19.12
N PHE B 119 -1.16 9.80 18.71
CA PHE B 119 -1.61 8.41 18.60
C PHE B 119 -0.77 7.65 17.56
N ALA B 120 -0.52 8.29 16.42
CA ALA B 120 0.33 7.70 15.39
C ALA B 120 1.71 7.35 15.97
N SER B 121 2.29 8.28 16.72
CA SER B 121 3.60 8.01 17.34
C SER B 121 3.54 6.79 18.25
N ALA B 122 2.49 6.70 19.06
CA ALA B 122 2.37 5.58 20.02
C ALA B 122 2.28 4.24 19.31
N ILE B 123 1.54 4.18 18.18
CA ILE B 123 1.35 2.88 17.52
C ILE B 123 2.34 2.59 16.39
N HIS B 124 3.27 3.50 16.12
CA HIS B 124 3.92 3.54 14.79
C HIS B 124 4.86 2.36 14.55
N ASP B 125 5.26 1.66 15.61
CA ASP B 125 6.10 0.47 15.46
C ASP B 125 5.52 -0.75 16.18
N VAL B 126 4.22 -0.78 16.45
CA VAL B 126 3.68 -1.87 17.28
C VAL B 126 3.87 -3.24 16.62
N ASP B 127 4.19 -4.24 17.44
CA ASP B 127 4.39 -5.62 16.98
C ASP B 127 5.55 -5.73 15.99
N HIS B 128 6.53 -4.85 16.13
CA HIS B 128 7.73 -4.90 15.30
C HIS B 128 8.54 -6.15 15.65
N PRO B 129 8.93 -6.92 14.62
CA PRO B 129 9.62 -8.20 14.83
C PRO B 129 11.14 -8.08 14.99
N GLY B 130 11.66 -6.86 14.90
CA GLY B 130 13.09 -6.64 15.04
C GLY B 130 13.91 -6.90 13.80
N VAL B 131 13.24 -7.02 12.66
CA VAL B 131 13.95 -7.16 11.39
C VAL B 131 13.35 -6.16 10.41
N SER B 132 14.10 -5.87 9.36
CA SER B 132 13.70 -4.83 8.41
C SER B 132 12.67 -5.30 7.39
N ASN B 133 12.03 -4.34 6.74
CA ASN B 133 11.21 -4.62 5.57
C ASN B 133 11.99 -5.46 4.55
N GLN B 134 13.23 -5.07 4.24
CA GLN B 134 13.95 -5.80 3.21
C GLN B 134 14.18 -7.24 3.61
N PHE B 135 14.49 -7.48 4.89
CA PHE B 135 14.63 -8.85 5.40
C PHE B 135 13.33 -9.63 5.23
N LEU B 136 12.22 -9.01 5.59
CA LEU B 136 10.92 -9.65 5.46
C LEU B 136 10.60 -9.98 4.00
N ILE B 137 10.97 -9.07 3.10
CA ILE B 137 10.76 -9.30 1.68
C ILE B 137 11.67 -10.41 1.16
N ASN B 138 12.93 -10.38 1.57
CA ASN B 138 13.92 -11.32 1.02
C ASN B 138 13.75 -12.74 1.53
N THR B 139 13.13 -12.88 2.69
CA THR B 139 12.88 -14.20 3.26
C THR B 139 11.48 -14.73 2.93
N ASN B 140 10.76 -14.03 2.05
CA ASN B 140 9.43 -14.47 1.64
C ASN B 140 8.49 -14.64 2.83
N SER B 141 8.52 -13.67 3.73
CA SER B 141 7.71 -13.72 4.94
C SER B 141 6.22 -13.61 4.63
N GLU B 142 5.42 -14.11 5.56
CA GLU B 142 3.96 -13.99 5.48
C GLU B 142 3.55 -12.53 5.51
N LEU B 143 4.28 -11.72 6.27
CA LEU B 143 3.99 -10.30 6.33
C LEU B 143 4.18 -9.64 4.96
N ALA B 144 5.29 -9.96 4.28
CA ALA B 144 5.57 -9.43 2.94
C ALA B 144 4.58 -9.94 1.90
N LEU B 145 4.13 -11.18 2.07
CA LEU B 145 3.13 -11.76 1.18
C LEU B 145 1.80 -11.03 1.34
N MET B 146 1.44 -10.74 2.58
CA MET B 146 0.20 -10.03 2.87
CA MET B 146 0.20 -10.03 2.87
C MET B 146 0.21 -8.61 2.28
N TYR B 147 1.33 -7.91 2.45
CA TYR B 147 1.40 -6.50 2.05
C TYR B 147 2.10 -6.21 0.70
N ASN B 148 2.29 -7.25 -0.11
CA ASN B 148 2.87 -7.09 -1.44
C ASN B 148 4.14 -6.26 -1.48
N ASP B 149 5.00 -6.55 -0.51
CA ASP B 149 6.34 -5.99 -0.42
C ASP B 149 6.39 -4.47 -0.21
N SER B 150 5.25 -3.81 0.02
CA SER B 150 5.25 -2.34 0.11
CA SER B 150 5.33 -2.35 0.14
C SER B 150 4.90 -1.84 1.51
N SER B 151 5.81 -1.06 2.11
CA SER B 151 5.65 -0.59 3.49
C SER B 151 5.13 -1.71 4.38
N VAL B 152 5.82 -2.86 4.34
CA VAL B 152 5.29 -4.07 4.96
C VAL B 152 5.08 -3.86 6.44
N LEU B 153 6.13 -3.43 7.13
CA LEU B 153 6.03 -3.22 8.58
C LEU B 153 5.02 -2.13 8.92
N GLU B 154 5.07 -1.01 8.18
CA GLU B 154 4.29 0.16 8.55
C GLU B 154 2.78 -0.08 8.37
N ASN B 155 2.42 -0.75 7.29
CA ASN B 155 1.04 -1.20 7.13
C ASN B 155 0.60 -2.07 8.31
N HIS B 156 1.48 -2.98 8.71
CA HIS B 156 1.17 -3.92 9.79
C HIS B 156 1.06 -3.21 11.15
N HIS B 157 1.94 -2.25 11.42
CA HIS B 157 1.83 -1.43 12.63
C HIS B 157 0.48 -0.74 12.72
N LEU B 158 0.07 -0.14 11.61
CA LEU B 158 -1.22 0.52 11.54
C LEU B 158 -2.38 -0.45 11.80
N ALA B 159 -2.33 -1.59 11.14
CA ALA B 159 -3.42 -2.57 11.26
C ALA B 159 -3.53 -3.03 12.72
N VAL B 160 -2.41 -3.39 13.32
CA VAL B 160 -2.42 -3.83 14.72
C VAL B 160 -2.88 -2.70 15.64
N GLY B 161 -2.30 -1.52 15.49
CA GLY B 161 -2.66 -0.38 16.33
C GLY B 161 -4.15 -0.06 16.34
N PHE B 162 -4.75 -0.04 15.16
CA PHE B 162 -6.20 0.18 15.05
C PHE B 162 -6.97 -1.04 15.58
N LYS B 163 -6.52 -2.23 15.23
CA LYS B 163 -7.22 -3.46 15.62
C LYS B 163 -7.36 -3.58 17.13
N LEU B 164 -6.38 -3.06 17.88
CA LEU B 164 -6.41 -3.16 19.34
C LEU B 164 -7.49 -2.27 19.94
N LEU B 165 -7.97 -1.30 19.16
CA LEU B 165 -9.08 -0.45 19.59
C LEU B 165 -10.38 -1.25 19.78
N GLN B 166 -10.42 -2.46 19.19
CA GLN B 166 -11.61 -3.30 19.26
C GLN B 166 -11.69 -4.14 20.51
N GLU B 167 -10.60 -4.24 21.27
CA GLU B 167 -10.62 -5.05 22.48
CA GLU B 167 -10.60 -5.04 22.49
C GLU B 167 -11.50 -4.42 23.54
N GLU B 168 -11.89 -5.20 24.54
CA GLU B 168 -12.87 -4.72 25.53
C GLU B 168 -12.40 -3.45 26.26
N ASN B 169 -13.24 -2.43 26.23
CA ASN B 169 -12.97 -1.15 26.88
C ASN B 169 -11.67 -0.54 26.37
N CYS B 170 -11.44 -0.65 25.06
CA CYS B 170 -10.23 -0.13 24.47
C CYS B 170 -10.50 0.99 23.48
N ASP B 171 -11.77 1.23 23.15
CA ASP B 171 -12.04 2.24 22.15
C ASP B 171 -11.94 3.64 22.74
N ILE B 172 -10.73 4.20 22.64
CA ILE B 172 -10.50 5.53 23.16
C ILE B 172 -11.16 6.59 22.28
N PHE B 173 -11.52 6.24 21.06
CA PHE B 173 -12.14 7.22 20.18
C PHE B 173 -13.68 7.08 20.17
N GLN B 174 -14.21 6.40 21.19
CA GLN B 174 -15.63 6.06 21.21
C GLN B 174 -16.55 7.28 21.18
N ASN B 175 -16.11 8.41 21.73
CA ASN B 175 -16.96 9.60 21.75
C ASN B 175 -16.55 10.64 20.72
N LEU B 176 -15.74 10.25 19.75
CA LEU B 176 -15.51 11.10 18.58
C LEU B 176 -16.72 10.99 17.66
N THR B 177 -17.01 12.07 16.94
CA THR B 177 -18.03 12.04 15.91
C THR B 177 -17.54 11.15 14.77
N LYS B 178 -18.47 10.74 13.91
CA LYS B 178 -18.12 9.91 12.77
C LYS B 178 -17.10 10.64 11.91
N LYS B 179 -17.35 11.92 11.66
CA LYS B 179 -16.45 12.76 10.90
C LYS B 179 -15.05 12.76 11.53
N GLN B 180 -15.01 12.92 12.85
CA GLN B 180 -13.73 13.02 13.55
C GLN B 180 -12.94 11.73 13.45
N ARG B 181 -13.63 10.61 13.63
CA ARG B 181 -13.02 9.28 13.53
C ARG B 181 -12.44 9.03 12.15
N GLN B 182 -13.21 9.34 11.11
CA GLN B 182 -12.73 9.15 9.74
C GLN B 182 -11.49 9.99 9.47
N SER B 183 -11.51 11.24 9.94
CA SER B 183 -10.40 12.17 9.74
C SER B 183 -9.15 11.72 10.51
N LEU B 184 -9.35 11.35 11.77
CA LEU B 184 -8.24 10.86 12.57
C LEU B 184 -7.62 9.61 11.93
N ARG B 185 -8.46 8.70 11.47
CA ARG B 185 -7.95 7.47 10.89
C ARG B 185 -7.09 7.78 9.66
N LYS B 186 -7.57 8.67 8.80
CA LYS B 186 -6.80 9.04 7.63
C LYS B 186 -5.45 9.67 7.99
N MET B 187 -5.47 10.63 8.89
CA MET B 187 -4.23 11.29 9.24
C MET B 187 -3.25 10.29 9.84
N VAL B 188 -3.74 9.39 10.68
CA VAL B 188 -2.87 8.44 11.37
C VAL B 188 -2.23 7.50 10.36
N ILE B 189 -3.01 7.04 9.40
CA ILE B 189 -2.47 6.20 8.34
C ILE B 189 -1.40 6.97 7.55
N ASP B 190 -1.73 8.19 7.15
CA ASP B 190 -0.79 9.01 6.37
C ASP B 190 0.53 9.22 7.13
N ILE B 191 0.44 9.35 8.45
CA ILE B 191 1.61 9.64 9.25
C ILE B 191 2.48 8.39 9.44
N VAL B 192 1.89 7.28 9.84
CA VAL B 192 2.69 6.08 10.06
C VAL B 192 3.28 5.56 8.74
N LEU B 193 2.56 5.67 7.63
CA LEU B 193 3.14 5.20 6.37
C LEU B 193 4.38 6.03 6.01
N ALA B 194 4.39 7.28 6.43
CA ALA B 194 5.52 8.16 6.18
C ALA B 194 6.75 7.81 7.04
N THR B 195 6.61 6.88 7.98
CA THR B 195 7.77 6.45 8.78
C THR B 195 8.58 5.36 8.08
N ASP B 196 8.08 4.87 6.95
CA ASP B 196 8.81 3.92 6.11
C ASP B 196 10.07 4.59 5.55
N MET B 197 11.24 4.06 5.90
CA MET B 197 12.49 4.73 5.51
C MET B 197 12.66 4.79 3.99
N SER B 198 12.00 3.91 3.25
CA SER B 198 12.12 3.96 1.80
C SER B 198 11.44 5.20 1.24
N LYS B 199 10.65 5.87 2.06
CA LYS B 199 10.02 7.11 1.62
C LYS B 199 10.78 8.36 2.09
N HIS B 200 11.89 8.17 2.79
CA HIS B 200 12.62 9.28 3.37
C HIS B 200 13.06 10.34 2.35
N MET B 201 13.71 9.91 1.27
CA MET B 201 14.25 10.89 0.31
C MET B 201 13.16 11.73 -0.38
N ASN B 202 12.02 11.12 -0.64
CA ASN B 202 10.89 11.84 -1.23
C ASN B 202 10.24 12.80 -0.24
N LEU B 203 10.07 12.34 1.00
CA LEU B 203 9.59 13.23 2.05
C LEU B 203 10.52 14.42 2.17
N LEU B 204 11.83 14.13 2.18
CA LEU B 204 12.80 15.20 2.41
C LEU B 204 12.80 16.18 1.24
N ALA B 205 12.79 15.65 0.01
CA ALA B 205 12.79 16.50 -1.17
C ALA B 205 11.59 17.45 -1.18
N ASP B 206 10.42 16.95 -0.80
CA ASP B 206 9.24 17.81 -0.73
C ASP B 206 9.29 18.75 0.46
N LEU B 207 9.87 18.30 1.58
CA LEU B 207 9.94 19.17 2.75
C LEU B 207 10.84 20.37 2.42
N LYS B 208 11.91 20.12 1.68
CA LYS B 208 12.84 21.19 1.30
C LYS B 208 12.11 22.23 0.43
N THR B 209 11.26 21.75 -0.47
CA THR B 209 10.49 22.65 -1.33
C THR B 209 9.45 23.38 -0.51
N MET B 210 8.84 22.71 0.47
CA MET B 210 7.87 23.38 1.34
C MET B 210 8.52 24.51 2.11
N VAL B 211 9.76 24.30 2.54
CA VAL B 211 10.51 25.32 3.26
C VAL B 211 10.79 26.52 2.35
N GLU B 212 11.14 26.24 1.10
CA GLU B 212 11.52 27.28 0.13
C GLU B 212 10.39 28.29 -0.06
N THR B 213 9.16 27.80 0.06
CA THR B 213 7.98 28.60 -0.25
C THR B 213 7.09 28.87 0.94
N LYS B 214 7.60 28.66 2.16
CA LYS B 214 6.75 28.70 3.36
C LYS B 214 6.18 30.09 3.64
N LYS B 215 4.97 30.11 4.19
CA LYS B 215 4.25 31.35 4.52
C LYS B 215 4.05 31.50 6.03
N VAL B 216 4.29 32.69 6.56
CA VAL B 216 4.18 32.93 8.00
C VAL B 216 3.33 34.15 8.36
N THR B 217 2.66 34.10 9.50
CA THR B 217 1.91 35.24 10.02
C THR B 217 2.85 36.34 10.48
N SER B 218 2.28 37.43 11.00
CA SER B 218 3.08 38.48 11.61
C SER B 218 3.76 37.97 12.88
N SER B 219 3.02 37.18 13.64
CA SER B 219 3.52 36.57 14.88
C SER B 219 4.58 35.51 14.60
N GLY B 220 4.80 35.22 13.33
CA GLY B 220 5.86 34.30 12.91
C GLY B 220 5.49 32.83 12.93
N VAL B 221 4.20 32.53 13.00
CA VAL B 221 3.76 31.14 12.95
C VAL B 221 3.50 30.74 11.50
N LEU B 222 3.75 29.48 11.19
CA LEU B 222 3.55 28.98 9.83
C LEU B 222 2.09 28.97 9.41
N LEU B 223 1.85 29.31 8.14
CA LEU B 223 0.53 29.24 7.54
C LEU B 223 0.41 27.99 6.68
N LEU B 224 -0.42 27.05 7.14
CA LEU B 224 -0.71 25.80 6.43
C LEU B 224 -2.20 25.72 6.12
N ASP B 225 -2.59 26.10 4.90
CA ASP B 225 -4.00 26.35 4.62
C ASP B 225 -4.74 25.23 3.87
N ASN B 226 -4.14 24.05 3.80
CA ASN B 226 -4.84 22.88 3.30
C ASN B 226 -4.32 21.58 3.91
N TYR B 227 -5.06 20.49 3.69
CA TYR B 227 -4.71 19.21 4.28
C TYR B 227 -3.33 18.74 3.84
N SER B 228 -3.04 18.86 2.55
CA SER B 228 -1.76 18.43 1.99
C SER B 228 -0.57 19.07 2.72
N ASP B 229 -0.66 20.37 2.97
CA ASP B 229 0.42 21.06 3.68
C ASP B 229 0.46 20.63 5.14
N ARG B 230 -0.72 20.56 5.77
CA ARG B 230 -0.80 20.21 7.17
C ARG B 230 -0.25 18.80 7.42
N ILE B 231 -0.72 17.83 6.63
CA ILE B 231 -0.34 16.44 6.88
C ILE B 231 1.14 16.26 6.56
N GLN B 232 1.62 17.01 5.57
CA GLN B 232 3.04 16.96 5.23
C GLN B 232 3.90 17.39 6.41
N VAL B 233 3.49 18.43 7.12
CA VAL B 233 4.24 18.86 8.29
C VAL B 233 4.15 17.81 9.42
N LEU B 234 2.96 17.25 9.67
CA LEU B 234 2.85 16.21 10.69
C LEU B 234 3.65 14.94 10.34
N GLN B 235 3.64 14.57 9.06
CA GLN B 235 4.42 13.42 8.58
C GLN B 235 5.90 13.62 8.86
N ASN B 236 6.41 14.77 8.50
CA ASN B 236 7.83 15.04 8.70
C ASN B 236 8.13 15.23 10.18
N MET B 237 7.17 15.76 10.92
CA MET B 237 7.36 15.91 12.36
C MET B 237 7.57 14.56 13.04
N VAL B 238 6.70 13.59 12.75
CA VAL B 238 6.79 12.28 13.40
C VAL B 238 8.05 11.52 12.91
N HIS B 239 8.36 11.69 11.62
CA HIS B 239 9.59 11.15 11.03
C HIS B 239 10.85 11.68 11.75
N CYS B 240 10.90 12.99 12.03
CA CYS B 240 12.00 13.58 12.80
C CYS B 240 12.10 12.98 14.21
N ALA B 241 10.96 12.87 14.87
CA ALA B 241 10.90 12.26 16.20
C ALA B 241 11.38 10.80 16.14
N ASP B 242 11.00 10.09 15.09
CA ASP B 242 11.44 8.72 14.88
C ASP B 242 12.95 8.67 14.73
N LEU B 243 13.50 9.68 14.06
CA LEU B 243 14.93 9.77 13.81
C LEU B 243 15.59 10.77 14.73
N SER B 244 15.14 10.85 15.98
CA SER B 244 15.65 11.90 16.87
C SER B 244 16.76 11.44 17.84
N ASN B 245 17.10 10.15 17.84
CA ASN B 245 18.09 9.65 18.81
C ASN B 245 19.40 10.44 18.81
N PRO B 246 19.99 10.70 17.62
CA PRO B 246 21.28 11.41 17.58
C PRO B 246 21.19 12.87 18.00
N THR B 247 19.98 13.40 18.15
CA THR B 247 19.83 14.79 18.57
C THR B 247 19.65 14.91 20.07
N LYS B 248 19.74 13.78 20.77
CA LYS B 248 19.50 13.73 22.21
C LYS B 248 20.84 13.81 22.96
N PRO B 249 20.78 14.15 24.26
CA PRO B 249 22.01 14.11 25.06
C PRO B 249 22.74 12.78 24.92
N LEU B 250 24.07 12.83 24.95
CA LEU B 250 24.92 11.68 24.64
C LEU B 250 24.62 10.44 25.47
N GLN B 251 24.29 10.63 26.74
CA GLN B 251 23.97 9.49 27.60
C GLN B 251 22.73 8.73 27.10
N LEU B 252 21.76 9.46 26.56
CA LEU B 252 20.59 8.80 25.97
C LEU B 252 20.93 8.20 24.61
N TYR B 253 21.54 9.00 23.74
CA TYR B 253 21.90 8.58 22.38
C TYR B 253 22.73 7.29 22.39
N ARG B 254 23.67 7.20 23.32
CA ARG B 254 24.53 6.01 23.39
C ARG B 254 23.71 4.75 23.68
N GLN B 255 22.72 4.87 24.56
CA GLN B 255 21.84 3.75 24.89
C GLN B 255 20.98 3.32 23.69
N TRP B 256 20.52 4.26 22.89
CA TRP B 256 19.78 3.90 21.67
C TRP B 256 20.67 3.20 20.65
N THR B 257 21.91 3.67 20.56
CA THR B 257 22.87 3.12 19.62
C THR B 257 23.20 1.67 19.97
N ASP B 258 23.35 1.40 21.26
CA ASP B 258 23.58 0.05 21.77
C ASP B 258 22.45 -0.88 21.36
N ARG B 259 21.22 -0.38 21.51
CA ARG B 259 20.06 -1.18 21.24
C ARG B 259 19.87 -1.47 19.74
N ILE B 260 20.06 -0.47 18.89
CA ILE B 260 19.83 -0.70 17.48
C ILE B 260 20.90 -1.66 16.94
N MET B 261 22.13 -1.58 17.45
CA MET B 261 23.18 -2.44 16.91
C MET B 261 22.94 -3.89 17.34
N GLU B 262 22.42 -4.07 18.54
CA GLU B 262 22.02 -5.40 19.01
C GLU B 262 20.93 -5.99 18.13
N GLU B 263 19.94 -5.15 17.80
CA GLU B 263 18.87 -5.59 16.93
C GLU B 263 19.39 -5.92 15.53
N PHE B 264 20.20 -5.02 14.97
CA PHE B 264 20.80 -5.24 13.67
C PHE B 264 21.65 -6.52 13.61
N PHE B 265 22.47 -6.75 14.63
CA PHE B 265 23.34 -7.94 14.60
C PHE B 265 22.51 -9.22 14.76
N ARG B 266 21.41 -9.14 15.51
CA ARG B 266 20.51 -10.30 15.59
C ARG B 266 19.93 -10.61 14.21
N GLN B 267 19.60 -9.58 13.44
CA GLN B 267 19.14 -9.81 12.06
C GLN B 267 20.29 -10.39 11.22
N GLY B 268 21.48 -9.81 11.37
CA GLY B 268 22.65 -10.28 10.66
C GLY B 268 22.93 -11.76 10.93
N ASP B 269 22.72 -12.19 12.18
CA ASP B 269 22.95 -13.58 12.57
C ASP B 269 21.97 -14.53 11.86
N ARG B 270 20.72 -14.10 11.73
CA ARG B 270 19.73 -14.90 11.02
C ARG B 270 20.01 -14.95 9.52
N GLU B 271 20.51 -13.83 8.98
CA GLU B 271 20.94 -13.80 7.59
C GLU B 271 22.13 -14.74 7.34
N ARG B 272 23.15 -14.68 8.21
CA ARG B 272 24.33 -15.52 8.02
C ARG B 272 23.96 -17.01 8.11
N GLU B 273 23.08 -17.35 9.05
CA GLU B 273 22.59 -18.71 9.21
C GLU B 273 21.85 -19.22 7.96
N ARG B 274 21.24 -18.30 7.22
CA ARG B 274 20.49 -18.66 6.01
C ARG B 274 21.34 -18.63 4.76
N GLY B 275 22.61 -18.31 4.90
CA GLY B 275 23.50 -18.21 3.75
C GLY B 275 23.24 -16.95 2.94
N MET B 276 22.51 -16.01 3.53
CA MET B 276 22.21 -14.74 2.87
C MET B 276 23.35 -13.76 3.00
N GLU B 277 23.46 -12.86 2.02
CA GLU B 277 24.33 -11.70 2.16
C GLU B 277 23.89 -10.94 3.41
N ILE B 278 24.85 -10.56 4.24
CA ILE B 278 24.52 -9.85 5.48
C ILE B 278 24.28 -8.36 5.18
N SER B 279 23.16 -7.83 5.65
CA SER B 279 22.79 -6.44 5.39
C SER B 279 23.80 -5.49 5.99
N PRO B 280 23.93 -4.28 5.40
CA PRO B 280 24.81 -3.23 5.91
C PRO B 280 24.63 -3.00 7.40
N MET B 281 25.73 -2.99 8.15
CA MET B 281 25.68 -2.70 9.59
C MET B 281 25.09 -3.83 10.44
N CYS B 282 24.85 -4.99 9.82
CA CYS B 282 24.26 -6.09 10.58
C CYS B 282 25.25 -7.22 10.87
N ASP B 283 26.52 -7.02 10.54
CA ASP B 283 27.54 -8.04 10.79
C ASP B 283 28.33 -7.72 12.06
N LYS B 284 28.05 -8.45 13.14
CA LYS B 284 28.71 -8.19 14.43
C LYS B 284 30.22 -8.29 14.34
N HIS B 285 30.71 -8.96 13.30
CA HIS B 285 32.14 -9.22 13.16
C HIS B 285 32.88 -8.12 12.42
N ASN B 286 32.17 -7.31 11.64
CA ASN B 286 32.83 -6.39 10.71
C ASN B 286 32.31 -4.95 10.72
N ALA B 287 31.20 -4.70 11.42
CA ALA B 287 30.63 -3.36 11.46
C ALA B 287 31.46 -2.46 12.37
N SER B 288 31.45 -1.16 12.08
CA SER B 288 31.98 -0.16 13.02
C SER B 288 30.88 0.79 13.50
N VAL B 289 30.68 0.83 14.81
CA VAL B 289 29.64 1.66 15.41
C VAL B 289 29.84 3.15 15.13
N GLU B 290 31.05 3.66 15.39
CA GLU B 290 31.35 5.06 15.14
C GLU B 290 31.13 5.42 13.67
N LYS B 291 31.64 4.60 12.76
CA LYS B 291 31.48 4.91 11.34
C LYS B 291 30.00 4.84 10.97
N SER B 292 29.30 3.86 11.52
CA SER B 292 27.88 3.68 11.23
C SER B 292 27.06 4.88 11.66
N GLN B 293 27.23 5.34 12.90
CA GLN B 293 26.51 6.52 13.38
C GLN B 293 26.88 7.80 12.62
N VAL B 294 28.15 7.98 12.26
CA VAL B 294 28.52 9.19 11.54
C VAL B 294 27.89 9.20 10.15
N GLY B 295 27.84 8.05 9.50
CA GLY B 295 27.21 7.94 8.20
C GLY B 295 25.70 8.17 8.30
N PHE B 296 25.11 7.63 9.36
CA PHE B 296 23.69 7.80 9.65
C PHE B 296 23.34 9.28 9.82
N ILE B 297 24.13 9.97 10.64
CA ILE B 297 23.91 11.39 10.84
C ILE B 297 24.14 12.17 9.53
N ASP B 298 25.25 11.89 8.88
CA ASP B 298 25.64 12.62 7.70
C ASP B 298 24.68 12.49 6.53
N TYR B 299 24.21 11.27 6.30
CA TYR B 299 23.42 10.97 5.11
C TYR B 299 21.94 10.94 5.37
N ILE B 300 21.52 10.83 6.62
CA ILE B 300 20.08 10.71 6.91
C ILE B 300 19.59 11.76 7.93
N VAL B 301 20.15 11.72 9.12
CA VAL B 301 19.59 12.47 10.25
C VAL B 301 19.84 13.97 10.18
N HIS B 302 21.07 14.38 9.88
CA HIS B 302 21.33 15.81 9.79
C HIS B 302 20.65 16.47 8.56
N PRO B 303 20.66 15.80 7.40
CA PRO B 303 19.93 16.44 6.30
C PRO B 303 18.44 16.67 6.64
N LEU B 304 17.84 15.76 7.38
CA LEU B 304 16.44 15.89 7.80
C LEU B 304 16.27 17.01 8.85
N TRP B 305 17.03 16.91 9.93
CA TRP B 305 16.90 17.90 10.98
C TRP B 305 17.31 19.32 10.60
N GLU B 306 18.32 19.50 9.75
CA GLU B 306 18.62 20.86 9.30
C GLU B 306 17.46 21.41 8.47
N THR B 307 16.69 20.53 7.83
CA THR B 307 15.56 21.01 7.04
C THR B 307 14.39 21.36 7.94
N TRP B 308 14.13 20.52 8.94
CA TRP B 308 13.15 20.88 9.96
C TRP B 308 13.53 22.20 10.63
N ALA B 309 14.80 22.32 11.02
CA ALA B 309 15.25 23.54 11.69
C ALA B 309 15.02 24.78 10.83
N ASP B 310 15.23 24.64 9.53
CA ASP B 310 14.89 25.69 8.57
C ASP B 310 13.43 26.08 8.66
N LEU B 311 12.57 25.08 8.69
CA LEU B 311 11.13 25.28 8.69
C LEU B 311 10.68 26.06 9.90
N VAL B 312 11.26 25.75 11.05
CA VAL B 312 10.80 26.34 12.31
C VAL B 312 11.83 27.30 12.91
N HIS B 313 12.76 27.78 12.09
CA HIS B 313 13.87 28.62 12.60
C HIS B 313 13.37 29.78 13.44
N PRO B 314 13.98 30.00 14.62
CA PRO B 314 15.13 29.30 15.19
C PRO B 314 14.76 28.26 16.24
N ASP B 315 13.52 27.78 16.23
CA ASP B 315 12.99 26.93 17.31
C ASP B 315 13.88 25.73 17.62
N ALA B 316 14.46 25.13 16.58
CA ALA B 316 15.17 23.87 16.73
C ALA B 316 16.70 24.01 16.76
N GLN B 317 17.20 25.22 17.00
CA GLN B 317 18.65 25.39 16.90
C GLN B 317 19.40 24.58 17.97
N ASP B 318 18.83 24.47 19.17
CA ASP B 318 19.52 23.74 20.24
C ASP B 318 19.56 22.25 19.91
N ILE B 319 18.47 21.73 19.36
CA ILE B 319 18.42 20.35 18.90
C ILE B 319 19.46 20.09 17.82
N LEU B 320 19.56 21.01 16.87
CA LEU B 320 20.52 20.86 15.78
C LEU B 320 21.95 20.96 16.33
N ASP B 321 22.16 21.88 17.27
CA ASP B 321 23.47 21.99 17.95
C ASP B 321 23.93 20.67 18.60
N THR B 322 23.00 20.01 19.28
CA THR B 322 23.30 18.75 19.98
C THR B 322 23.67 17.70 18.95
N LEU B 323 22.87 17.63 17.89
CA LEU B 323 23.12 16.70 16.79
C LEU B 323 24.52 16.91 16.22
N GLU B 324 24.86 18.17 15.95
CA GLU B 324 26.18 18.47 15.37
C GLU B 324 27.31 18.17 16.37
N ASP B 325 27.07 18.44 17.65
CA ASP B 325 28.06 18.06 18.67
C ASP B 325 28.25 16.55 18.74
N ASN B 326 27.14 15.81 18.70
CA ASN B 326 27.20 14.36 18.77
C ASN B 326 27.92 13.76 17.56
N ARG B 327 27.73 14.37 16.38
CA ARG B 327 28.42 13.94 15.18
C ARG B 327 29.93 14.17 15.31
N GLU B 328 30.28 15.33 15.83
CA GLU B 328 31.68 15.68 16.05
C GLU B 328 32.31 14.71 17.04
N TRP B 329 31.53 14.35 18.05
CA TRP B 329 32.01 13.44 19.07
C TRP B 329 32.30 12.04 18.51
N TYR B 330 31.31 11.45 17.83
CA TYR B 330 31.48 10.10 17.29
C TYR B 330 32.55 10.02 16.19
N GLN B 331 32.83 11.12 15.50
CA GLN B 331 33.83 11.05 14.43
C GLN B 331 35.23 11.22 15.00
N SER B 332 35.31 11.66 16.26
CA SER B 332 36.59 12.07 16.81
C SER B 332 37.56 10.91 17.04
N THR B 333 37.03 9.68 17.15
CA THR B 333 37.90 8.52 17.35
C THR B 333 38.11 7.69 16.08
N ILE B 334 37.59 8.16 14.96
CA ILE B 334 37.86 7.53 13.68
C ILE B 334 39.09 8.19 13.06
N PRO B 335 40.17 7.42 12.81
CA PRO B 335 41.36 8.05 12.20
C PRO B 335 41.04 8.69 10.85
N GLN B 336 41.49 9.91 10.64
CA GLN B 336 41.22 10.65 9.40
C GLN B 336 42.43 11.40 8.89
N ALA B 337 42.50 11.58 7.56
CA ALA B 337 43.55 12.39 6.97
C ALA B 337 43.27 13.87 7.21
C10 CZK C . -17.56 -2.12 -14.21
C13 CZK C . -16.69 -2.11 -13.07
C15 CZK C . -16.65 -1.16 -8.88
C17 CZK C . -17.48 2.11 -7.23
C20 CZK C . -19.06 0.25 -7.13
C21 CZK C . -15.21 -2.72 -11.51
C22 CZK C . -15.74 -3.10 -12.71
C01 CZK C . -20.34 -3.54 -18.17
O01 CZK C . -20.13 -2.36 -17.48
C02 CZK C . -19.27 -2.33 -16.44
C03 CZK C . -19.47 -1.32 -15.50
O02 CZK C . -20.40 -0.34 -15.44
C04 CZK C . -20.96 0.29 -14.31
C05 CZK C . -22.46 0.47 -14.48
C06 CZK C . -22.62 1.90 -14.80
C07 CZK C . -21.25 2.39 -15.15
C08 CZK C . -20.36 1.61 -14.23
C09 CZK C . -18.61 -1.20 -14.38
C11 CZK C . -17.41 -3.12 -15.16
C12 CZK C . -18.26 -3.21 -16.26
N01 CZK C . -16.73 -1.22 -12.11
N02 CZK C . -15.83 -1.59 -11.20
C14 CZK C . -15.61 -0.83 -9.98
O03 CZK C . -16.40 -2.51 -8.41
C16 CZK C . -16.65 -0.14 -7.70
N03 CZK C . -17.81 0.78 -7.77
C18 CZK C . -18.69 3.09 -7.24
O04 CZK C . -19.98 2.51 -7.48
C19 CZK C . -20.13 1.28 -6.75
H18 CZK C . -17.64 -1.17 -9.34
H22 CZK C . -16.68 2.58 -7.82
H23 CZK C . -17.10 2.02 -6.21
H29 CZK C . -18.83 -0.32 -6.22
H28 CZK C . -19.52 -0.45 -7.83
H30 CZK C . -14.44 -3.16 -10.89
H31 CZK C . -15.46 -3.97 -13.26
H01 CZK C . -21.07 -3.33 -18.94
H02 CZK C . -20.75 -4.32 -17.54
H03 CZK C . -19.43 -3.87 -18.66
H04 CZK C . -20.76 -0.21 -13.37
H05 CZK C . -22.80 -0.14 -15.31
H06 CZK C . -23.03 0.22 -13.60
H08 CZK C . -23.33 2.03 -15.60
H07 CZK C . -23.00 2.41 -13.91
H10 CZK C . -21.13 3.46 -14.99
H09 CZK C . -21.03 2.17 -16.19
H12 CZK C . -20.44 2.00 -13.22
H11 CZK C . -19.32 1.63 -14.54
H13 CZK C . -18.72 -0.46 -13.61
H14 CZK C . -16.61 -3.84 -15.05
H15 CZK C . -18.09 -3.99 -16.97
H16 CZK C . -14.59 -1.05 -9.64
H17 CZK C . -15.64 0.24 -10.23
H19 CZK C . -17.21 -2.75 -7.93
H20 CZK C . -15.71 0.42 -7.73
H21 CZK C . -16.64 -0.68 -6.75
H24 CZK C . -18.73 3.62 -6.28
H25 CZK C . -18.55 3.85 -8.02
H26 CZK C . -21.13 0.89 -6.97
H27 CZK C . -20.10 1.51 -5.67
MG MG D . -10.59 -5.47 -9.67
MG MG E . 10.75 5.54 -23.62
MG MG F . 13.08 -27.63 -10.18
ZN ZN G . -11.51 -6.90 -12.93
C10 CZK H . 18.07 3.72 13.00
C13 CZK H . 17.37 3.27 11.79
C15 CZK H . 18.28 2.47 7.22
C17 CZK H . 21.22 4.30 7.97
C20 CZK H . 20.91 4.46 5.55
C21 CZK H . 16.06 2.67 10.10
C22 CZK H . 16.03 3.21 11.36
C01 CZK H . 20.50 5.00 17.37
O01 CZK H . 20.72 4.87 16.02
C02 CZK H . 19.77 4.52 15.12
C03 CZK H . 20.30 4.07 13.94
O02 CZK H . 21.56 3.88 13.49
C04 CZK H . 22.06 2.70 12.91
C05 CZK H . 23.52 2.49 13.25
C06 CZK H . 23.85 1.49 12.24
C07 CZK H . 23.20 2.06 11.02
C08 CZK H . 22.03 2.87 11.49
C09 CZK H . 19.45 3.67 12.90
C11 CZK H . 17.54 4.18 14.20
C12 CZK H . 18.40 4.58 15.24
N01 CZK H . 18.11 2.80 10.82
N02 CZK H . 17.36 2.47 9.80
C14 CZK H . 18.00 1.87 8.62
O03 CZK H . 17.01 2.55 6.54
C16 CZK H . 19.00 3.84 7.07
N03 CZK H . 20.48 3.78 6.81
C18 CZK H . 22.74 4.54 7.76
O04 CZK H . 23.23 4.60 6.41
C19 CZK H . 22.28 5.18 5.52
H18 CZK H . 18.87 1.72 6.65
H22 CZK H . 21.12 3.63 8.82
H23 CZK H . 20.77 5.26 8.27
H29 CZK H . 20.16 5.19 5.22
H28 CZK H . 20.93 3.70 4.76
H30 CZK H . 15.27 2.45 9.40
H31 CZK H . 15.15 3.50 11.89
H01 CZK H . 21.44 5.26 17.83
H02 CZK H . 20.19 4.06 17.82
H03 CZK H . 19.80 5.80 17.58
H04 CZK H . 21.50 1.81 13.15
H05 CZK H . 24.08 3.40 13.11
H06 CZK H . 23.70 2.11 14.25
H08 CZK H . 24.93 1.37 12.12
H07 CZK H . 23.42 0.53 12.50
H10 CZK H . 22.88 1.29 10.32
H09 CZK H . 23.91 2.70 10.49
H12 CZK H . 21.10 2.44 11.08
H11 CZK H . 22.08 3.90 11.16
H13 CZK H . 19.83 3.31 11.96
H14 CZK H . 16.47 4.24 14.34
H15 CZK H . 17.95 4.94 16.15
H16 CZK H . 18.97 1.53 9.02
H17 CZK H . 17.45 0.94 8.46
H19 CZK H . 17.17 2.10 5.69
H20 CZK H . 18.83 4.40 7.99
H21 CZK H . 18.51 4.42 6.28
H24 CZK H . 23.04 5.47 8.25
H25 CZK H . 23.30 3.73 8.24
H26 CZK H . 22.70 5.13 4.52
H27 CZK H . 22.17 6.24 5.77
MG MG I . 9.13 1.94 12.06
ZN ZN J . 10.24 3.90 14.92
C1 EDO K . -4.84 7.21 3.84
O1 EDO K . -4.86 8.26 2.87
C2 EDO K . -5.95 6.22 3.50
O2 EDO K . -7.17 6.93 3.52
H11 EDO K . -3.87 6.71 3.83
H12 EDO K . -5.01 7.63 4.84
HO1 EDO K . -4.16 8.90 3.08
H21 EDO K . -5.77 5.78 2.52
H22 EDO K . -5.97 5.42 4.24
HO2 EDO K . -7.90 6.33 3.31
#